data_8E9S
#
_entry.id   8E9S
#
_cell.length_a   143.830
_cell.length_b   143.830
_cell.length_c   81.570
_cell.angle_alpha   90.000
_cell.angle_beta   90.000
_cell.angle_gamma   120.000
#
_symmetry.space_group_name_H-M   'P 63'
#
loop_
_entity.id
_entity.type
_entity.pdbx_description
1 polymer 'Aspartate aminotransferase'
2 non-polymer "PYRIDOXAL-5'-PHOSPHATE"
3 non-polymer 'MALEIC ACID'
4 water water
#
_entity_poly.entity_id   1
_entity_poly.type   'polypeptide(L)'
_entity_poly.pdbx_seq_one_letter_code
;MAHHHHHHVGTFENITAAPADPILGLADLFRADERPGKINLGIGVYFDETGKCPVLTSVKKAEQYLLENETTKSYLGIDG
IPEFGRCTQELLFGKGSALINDKRARTAQTPGGTGALRVAADFLAKNTSVKRVWVSNPSWPNHKSVFNSAGLEVREYAYY
DAENHTLDFDALINSLNEAQAGDVVLFHGCCHNPTGIDPTLEQWQTLAQLSVEKGWLPLFDFAYQGFARGLEEDAEGLRA
FAAMHKELIVASSYSKNFGLYNERVGACTLVAADSETVDRAFSQMKAAIRANYSNPPAHGASVVATILSNDALRAIWEQE
LTDMRQRIQRMRQLFVNTLQEKGANRDFSFIIKQNGMFSFSGLTKEQVLRLREEFGVYAVASGRVNVAGMTPDNMAPLCE
AIVAVL
;
_entity_poly.pdbx_strand_id   A,B
#
loop_
_chem_comp.id
_chem_comp.type
_chem_comp.name
_chem_comp.formula
MAE non-polymer 'MALEIC ACID' 'C4 H4 O4'
PLP non-polymer PYRIDOXAL-5'-PHOSPHATE 'C8 H10 N O6 P'
#
# COMPACT_ATOMS: atom_id res chain seq x y z
N HIS A 8 -9.86 -18.33 -28.05
CA HIS A 8 -10.42 -16.99 -28.17
C HIS A 8 -9.33 -15.95 -28.37
N VAL A 9 -9.74 -14.70 -28.60
CA VAL A 9 -8.80 -13.64 -28.98
C VAL A 9 -7.71 -13.49 -27.93
N GLY A 10 -8.08 -13.11 -26.72
CA GLY A 10 -7.07 -12.79 -25.71
C GLY A 10 -7.26 -11.38 -25.20
N THR A 11 -7.31 -11.27 -23.87
CA THR A 11 -7.62 -10.00 -23.23
C THR A 11 -6.45 -9.02 -23.27
N PHE A 12 -5.22 -9.53 -23.32
CA PHE A 12 -4.04 -8.69 -23.16
C PHE A 12 -3.39 -8.30 -24.48
N GLU A 13 -3.98 -8.67 -25.62
CA GLU A 13 -3.31 -8.44 -26.89
C GLU A 13 -3.41 -6.99 -27.36
N ASN A 14 -4.50 -6.30 -27.03
CA ASN A 14 -4.68 -4.90 -27.43
C ASN A 14 -4.00 -3.91 -26.49
N ILE A 15 -3.24 -4.37 -25.50
CA ILE A 15 -2.63 -3.45 -24.54
C ILE A 15 -1.47 -2.70 -25.19
N THR A 16 -1.38 -1.40 -24.89
CA THR A 16 -0.29 -0.55 -25.31
C THR A 16 0.72 -0.47 -24.17
N ALA A 17 1.99 -0.59 -24.51
CA ALA A 17 3.04 -0.51 -23.51
C ALA A 17 3.09 0.88 -22.88
N ALA A 18 3.36 0.92 -21.57
CA ALA A 18 3.62 2.18 -20.90
C ALA A 18 5.12 2.48 -20.91
N PRO A 19 5.49 3.76 -21.02
CA PRO A 19 6.91 4.13 -20.91
C PRO A 19 7.41 3.96 -19.49
N ALA A 20 8.73 3.92 -19.37
CA ALA A 20 9.36 3.84 -18.06
C ALA A 20 9.06 5.12 -17.27
N ASP A 21 8.98 4.97 -15.97
CA ASP A 21 8.81 6.13 -15.12
C ASP A 21 10.01 7.06 -15.29
N PRO A 22 9.79 8.37 -15.45
CA PRO A 22 10.94 9.28 -15.67
C PRO A 22 11.87 9.42 -14.49
N ILE A 23 11.47 9.04 -13.30
CA ILE A 23 12.33 9.05 -12.14
C ILE A 23 12.80 7.66 -11.77
N LEU A 24 11.85 6.74 -11.50
CA LEU A 24 12.21 5.43 -10.98
C LEU A 24 12.84 4.55 -12.05
N GLY A 25 12.54 4.79 -13.33
CA GLY A 25 13.20 4.04 -14.37
C GLY A 25 14.69 4.30 -14.47
N LEU A 26 15.17 5.41 -13.89
CA LEU A 26 16.59 5.71 -13.95
C LEU A 26 17.43 4.62 -13.30
N ALA A 27 16.92 4.03 -12.21
CA ALA A 27 17.67 3.00 -11.50
C ALA A 27 18.07 1.87 -12.43
N ASP A 28 17.14 1.41 -13.27
CA ASP A 28 17.45 0.33 -14.20
C ASP A 28 18.51 0.75 -15.21
N LEU A 29 18.41 1.99 -15.71
CA LEU A 29 19.41 2.46 -16.67
C LEU A 29 20.78 2.60 -16.02
N PHE A 30 20.82 3.18 -14.82
CA PHE A 30 22.09 3.30 -14.12
C PHE A 30 22.71 1.94 -13.85
N ARG A 31 21.90 0.98 -13.41
CA ARG A 31 22.43 -0.35 -13.08
C ARG A 31 23.02 -1.06 -14.30
N ALA A 32 22.44 -0.84 -15.49
CA ALA A 32 22.93 -1.51 -16.68
C ALA A 32 24.18 -0.86 -17.26
N ASP A 33 24.47 0.38 -16.90
CA ASP A 33 25.59 1.09 -17.49
C ASP A 33 26.91 0.50 -16.98
N GLU A 34 27.78 0.13 -17.91
CA GLU A 34 29.06 -0.47 -17.57
C GLU A 34 30.22 0.52 -17.54
N ARG A 35 30.00 1.78 -17.93
CA ARG A 35 31.07 2.77 -17.91
C ARG A 35 31.61 2.93 -16.49
N PRO A 36 32.92 2.78 -16.28
CA PRO A 36 33.47 3.06 -14.95
C PRO A 36 33.37 4.54 -14.63
N GLY A 37 33.01 4.84 -13.39
CA GLY A 37 32.88 6.21 -12.94
C GLY A 37 31.50 6.81 -13.10
N LYS A 38 30.49 6.01 -13.44
CA LYS A 38 29.13 6.52 -13.57
C LYS A 38 28.64 7.11 -12.24
N ILE A 39 27.76 8.10 -12.35
CA ILE A 39 27.33 8.91 -11.21
C ILE A 39 25.80 9.03 -11.24
N ASN A 40 25.15 8.69 -10.14
CA ASN A 40 23.69 8.67 -10.03
C ASN A 40 23.22 9.93 -9.31
N LEU A 41 22.55 10.83 -10.04
CA LEU A 41 21.97 12.04 -9.48
C LEU A 41 20.47 12.11 -9.78
N GLY A 42 19.81 10.95 -9.74
CA GLY A 42 18.45 10.80 -10.24
C GLY A 42 17.47 10.82 -9.09
N ILE A 43 17.10 9.63 -8.58
CA ILE A 43 16.02 9.49 -7.63
C ILE A 43 16.38 10.19 -6.32
N GLY A 44 15.36 10.76 -5.67
CA GLY A 44 15.57 11.63 -4.55
C GLY A 44 15.77 10.94 -3.22
N VAL A 45 16.87 10.19 -3.09
CA VAL A 45 17.29 9.63 -1.80
C VAL A 45 18.53 10.36 -1.34
N TYR A 46 18.70 10.42 -0.02
CA TYR A 46 19.87 11.04 0.57
C TYR A 46 21.05 10.08 0.49
N PHE A 47 22.20 10.61 0.11
CA PHE A 47 23.46 9.88 0.22
C PHE A 47 24.36 10.60 1.21
N ASP A 48 25.21 9.84 1.89
CA ASP A 48 26.19 10.43 2.79
C ASP A 48 27.47 10.71 2.01
N GLU A 49 28.53 11.13 2.71
CA GLU A 49 29.77 11.52 2.06
C GLU A 49 30.41 10.37 1.29
N THR A 50 30.05 9.12 1.59
CA THR A 50 30.65 7.98 0.90
C THR A 50 29.86 7.53 -0.31
N GLY A 51 28.73 8.17 -0.60
CA GLY A 51 27.90 7.78 -1.72
C GLY A 51 26.91 6.68 -1.42
N LYS A 52 26.65 6.39 -0.15
CA LYS A 52 25.72 5.36 0.27
C LYS A 52 24.49 6.00 0.89
N CYS A 53 23.41 5.22 0.93
CA CYS A 53 22.12 5.64 1.51
C CYS A 53 21.92 4.89 2.81
N PRO A 54 22.32 5.44 3.94
CA PRO A 54 22.40 4.67 5.18
C PRO A 54 21.08 4.66 5.93
N VAL A 55 20.94 3.65 6.78
CA VAL A 55 19.86 3.64 7.76
C VAL A 55 20.26 4.58 8.89
N LEU A 56 19.33 5.40 9.34
CA LEU A 56 19.61 6.30 10.45
C LEU A 56 19.86 5.49 11.72
N THR A 57 20.69 6.04 12.60
CA THR A 57 20.94 5.37 13.87
C THR A 57 19.69 5.30 14.73
N SER A 58 18.95 6.41 14.80
CA SER A 58 17.70 6.41 15.56
C SER A 58 16.79 5.30 15.07
N VAL A 59 16.79 5.04 13.76
CA VAL A 59 15.90 4.03 13.19
C VAL A 59 16.37 2.62 13.57
N LYS A 60 17.67 2.34 13.46
CA LYS A 60 18.19 1.04 13.92
C LYS A 60 17.87 0.81 15.39
N LYS A 61 18.03 1.84 16.23
CA LYS A 61 17.68 1.70 17.64
C LYS A 61 16.21 1.34 17.81
N ALA A 62 15.33 2.01 17.06
CA ALA A 62 13.90 1.74 17.18
C ALA A 62 13.54 0.34 16.70
N GLU A 63 14.19 -0.11 15.62
CA GLU A 63 13.92 -1.45 15.08
C GLU A 63 14.35 -2.54 16.05
N GLN A 64 15.42 -2.31 16.82
CA GLN A 64 15.81 -3.27 17.86
C GLN A 64 14.76 -3.33 18.97
N TYR A 65 14.27 -2.17 19.41
CA TYR A 65 13.19 -2.16 20.39
C TYR A 65 12.00 -2.96 19.89
N LEU A 66 11.62 -2.75 18.62
CA LEU A 66 10.44 -3.44 18.11
C LEU A 66 10.67 -4.93 18.06
N LEU A 67 11.86 -5.36 17.62
CA LEU A 67 12.14 -6.78 17.55
C LEU A 67 12.02 -7.42 18.92
N GLU A 68 12.45 -6.70 19.96
CA GLU A 68 12.43 -7.26 21.30
C GLU A 68 11.02 -7.27 21.89
N ASN A 69 10.16 -6.31 21.52
CA ASN A 69 8.91 -6.12 22.24
C ASN A 69 7.65 -6.47 21.45
N GLU A 70 7.72 -6.61 20.13
CA GLU A 70 6.55 -7.05 19.39
C GLU A 70 6.16 -8.46 19.80
N THR A 71 4.88 -8.65 20.11
CA THR A 71 4.34 -9.97 20.40
C THR A 71 3.36 -10.46 19.34
N THR A 72 2.98 -9.64 18.37
CA THR A 72 1.99 -10.07 17.39
C THR A 72 2.16 -9.24 16.12
N LYS A 73 1.72 -9.83 15.00
CA LYS A 73 1.61 -9.11 13.73
C LYS A 73 0.15 -8.94 13.32
N SER A 74 -0.78 -9.13 14.26
CA SER A 74 -2.19 -9.03 13.92
C SER A 74 -2.51 -7.67 13.28
N TYR A 75 -3.50 -7.69 12.37
CA TYR A 75 -3.81 -6.53 11.56
C TYR A 75 -3.99 -5.27 12.40
N LEU A 76 -3.42 -4.17 11.92
CA LEU A 76 -3.78 -2.87 12.43
C LEU A 76 -5.20 -2.52 11.98
N GLY A 77 -5.80 -1.56 12.68
CA GLY A 77 -6.99 -0.93 12.17
C GLY A 77 -6.74 -0.27 10.82
N ILE A 78 -7.84 0.00 10.12
CA ILE A 78 -7.79 0.57 8.78
C ILE A 78 -6.95 1.83 8.77
N ASP A 79 -7.07 2.68 9.80
CA ASP A 79 -6.35 3.94 9.85
C ASP A 79 -4.99 3.84 10.54
N GLY A 80 -4.57 2.65 10.98
CA GLY A 80 -3.22 2.45 11.45
C GLY A 80 -3.03 2.77 12.92
N ILE A 81 -1.77 3.05 13.27
CA ILE A 81 -1.37 3.17 14.67
C ILE A 81 -1.84 4.48 15.25
N PRO A 82 -2.64 4.46 16.32
CA PRO A 82 -3.18 5.74 16.84
C PRO A 82 -2.11 6.76 17.23
N GLU A 83 -1.05 6.33 17.92
CA GLU A 83 0.01 7.26 18.34
C GLU A 83 0.70 7.88 17.12
N PHE A 84 0.86 7.11 16.05
CA PHE A 84 1.42 7.66 14.83
C PHE A 84 0.60 8.82 14.32
N GLY A 85 -0.73 8.69 14.35
CA GLY A 85 -1.58 9.79 13.92
C GLY A 85 -1.42 11.02 14.79
N ARG A 86 -1.41 10.82 16.11
CA ARG A 86 -1.28 11.95 17.03
C ARG A 86 0.06 12.67 16.83
N CYS A 87 1.15 11.90 16.72
CA CYS A 87 2.46 12.53 16.54
C CYS A 87 2.53 13.29 15.23
N THR A 88 1.92 12.74 14.18
CA THR A 88 1.88 13.42 12.89
C THR A 88 1.16 14.76 13.01
N GLN A 89 0.00 14.80 13.67
CA GLN A 89 -0.75 16.05 13.76
C GLN A 89 0.03 17.10 14.54
N GLU A 90 0.71 16.71 15.62
CA GLU A 90 1.55 17.67 16.34
C GLU A 90 2.67 18.20 15.46
N LEU A 91 3.32 17.33 14.68
CA LEU A 91 4.39 17.78 13.80
C LEU A 91 3.86 18.77 12.76
N LEU A 92 2.68 18.50 12.21
CA LEU A 92 2.13 19.36 11.17
C LEU A 92 1.64 20.68 11.75
N PHE A 93 0.86 20.64 12.83
CA PHE A 93 0.08 21.78 13.27
C PHE A 93 0.63 22.47 14.50
N GLY A 94 1.47 21.81 15.28
CA GLY A 94 2.02 22.33 16.51
C GLY A 94 1.34 21.75 17.74
N LYS A 95 2.10 21.64 18.83
CA LYS A 95 1.61 20.94 20.02
C LYS A 95 0.30 21.52 20.53
N GLY A 96 0.16 22.84 20.53
CA GLY A 96 -1.00 23.45 21.13
C GLY A 96 -2.09 23.88 20.15
N SER A 97 -2.11 23.26 18.98
CA SER A 97 -2.93 23.75 17.89
C SER A 97 -4.42 23.68 18.23
N ALA A 98 -5.15 24.72 17.83
CA ALA A 98 -6.59 24.69 17.97
C ALA A 98 -7.20 23.52 17.20
N LEU A 99 -6.63 23.18 16.04
CA LEU A 99 -7.15 22.09 15.24
C LEU A 99 -7.17 20.78 16.01
N ILE A 100 -6.15 20.56 16.84
CA ILE A 100 -6.09 19.35 17.65
C ILE A 100 -7.03 19.44 18.84
N ASN A 101 -7.08 20.61 19.50
CA ASN A 101 -7.92 20.74 20.68
C ASN A 101 -9.41 20.65 20.34
N ASP A 102 -9.81 21.22 19.20
CA ASP A 102 -11.18 21.12 18.74
C ASP A 102 -11.48 19.82 18.01
N LYS A 103 -10.50 18.92 17.89
CA LYS A 103 -10.69 17.60 17.28
C LYS A 103 -11.28 17.74 15.87
N ARG A 104 -10.67 18.64 15.10
CA ARG A 104 -11.09 18.91 13.72
C ARG A 104 -10.30 18.10 12.71
N ALA A 105 -9.32 17.32 13.16
CA ALA A 105 -8.41 16.61 12.28
C ALA A 105 -8.41 15.12 12.56
N ARG A 106 -8.45 14.33 11.49
CA ARG A 106 -8.32 12.87 11.53
C ARG A 106 -7.20 12.46 10.59
N THR A 107 -6.40 11.48 11.01
CA THR A 107 -5.23 11.06 10.25
C THR A 107 -5.28 9.56 10.01
N ALA A 108 -5.08 9.15 8.77
CA ALA A 108 -4.87 7.76 8.42
C ALA A 108 -3.41 7.54 8.06
N GLN A 109 -2.81 6.53 8.69
CA GLN A 109 -1.51 6.03 8.27
C GLN A 109 -1.66 5.39 6.91
N THR A 110 -0.74 5.71 5.99
CA THR A 110 -0.80 5.26 4.61
C THR A 110 0.54 4.73 4.14
N PRO A 111 0.56 3.97 3.03
CA PRO A 111 1.85 3.53 2.44
C PRO A 111 2.52 4.66 1.68
N GLY A 112 3.35 5.41 2.39
CA GLY A 112 4.07 6.51 1.79
C GLY A 112 3.19 7.72 1.52
N GLY A 113 3.85 8.82 1.13
CA GLY A 113 3.10 9.99 0.73
C GLY A 113 2.28 9.74 -0.51
N THR A 114 2.77 8.88 -1.40
CA THR A 114 2.02 8.54 -2.61
C THR A 114 0.70 7.89 -2.24
N GLY A 115 0.75 6.94 -1.29
CA GLY A 115 -0.47 6.32 -0.83
C GLY A 115 -1.44 7.33 -0.22
N ALA A 116 -0.90 8.32 0.48
CA ALA A 116 -1.75 9.37 1.06
C ALA A 116 -2.41 10.20 -0.03
N LEU A 117 -1.67 10.51 -1.10
CA LEU A 117 -2.27 11.25 -2.21
C LEU A 117 -3.35 10.43 -2.90
N ARG A 118 -3.10 9.13 -3.09
CA ARG A 118 -4.06 8.27 -3.76
C ARG A 118 -5.34 8.13 -2.93
N VAL A 119 -5.20 7.91 -1.62
CA VAL A 119 -6.37 7.80 -0.75
C VAL A 119 -7.20 9.09 -0.78
N ALA A 120 -6.53 10.25 -0.77
CA ALA A 120 -7.26 11.51 -0.89
C ALA A 120 -7.99 11.59 -2.23
N ALA A 121 -7.32 11.19 -3.31
CA ALA A 121 -7.91 11.21 -4.65
C ALA A 121 -9.16 10.35 -4.72
N ASP A 122 -9.06 9.09 -4.27
CA ASP A 122 -10.22 8.20 -4.32
C ASP A 122 -11.35 8.73 -3.45
N PHE A 123 -11.01 9.18 -2.24
CA PHE A 123 -12.01 9.72 -1.32
C PHE A 123 -12.75 10.89 -1.94
N LEU A 124 -12.01 11.82 -2.57
CA LEU A 124 -12.63 12.99 -3.18
C LEU A 124 -13.50 12.59 -4.37
N ALA A 125 -13.00 11.68 -5.21
CA ALA A 125 -13.74 11.33 -6.42
C ALA A 125 -15.07 10.70 -6.10
N LYS A 126 -15.11 9.88 -5.06
CA LYS A 126 -16.29 9.09 -4.77
C LYS A 126 -17.22 9.71 -3.75
N ASN A 127 -16.81 10.78 -3.04
CA ASN A 127 -17.64 11.32 -1.96
C ASN A 127 -17.90 12.80 -2.03
N THR A 128 -17.34 13.51 -3.01
CA THR A 128 -17.52 14.95 -3.15
C THR A 128 -17.82 15.26 -4.61
N SER A 129 -18.06 16.55 -4.87
CA SER A 129 -18.28 17.03 -6.22
C SER A 129 -17.01 17.62 -6.81
N VAL A 130 -15.85 17.32 -6.21
CA VAL A 130 -14.57 17.75 -6.76
C VAL A 130 -14.31 17.05 -8.07
N LYS A 131 -13.97 17.83 -9.10
CA LYS A 131 -13.68 17.30 -10.42
C LYS A 131 -12.32 17.73 -10.96
N ARG A 132 -11.64 18.69 -10.32
CA ARG A 132 -10.46 19.31 -10.87
C ARG A 132 -9.43 19.56 -9.79
N VAL A 133 -8.17 19.22 -10.09
CA VAL A 133 -7.03 19.44 -9.21
C VAL A 133 -6.02 20.30 -9.96
N TRP A 134 -5.58 21.39 -9.32
CA TRP A 134 -4.59 22.29 -9.89
C TRP A 134 -3.22 22.01 -9.27
N VAL A 135 -2.22 21.84 -10.13
CA VAL A 135 -0.85 21.50 -9.73
C VAL A 135 0.12 22.47 -10.38
N SER A 136 1.24 22.72 -9.69
CA SER A 136 2.24 23.63 -10.20
C SER A 136 2.89 23.09 -11.47
N ASN A 137 3.27 24.00 -12.34
CA ASN A 137 4.11 23.68 -13.50
C ASN A 137 5.46 24.31 -13.24
N PRO A 138 6.53 23.54 -13.05
CA PRO A 138 6.60 22.08 -12.99
C PRO A 138 6.19 21.53 -11.63
N SER A 139 6.01 20.21 -11.56
CA SER A 139 5.75 19.53 -10.29
C SER A 139 6.36 18.13 -10.35
N TRP A 140 6.21 17.39 -9.28
CA TRP A 140 6.56 15.97 -9.26
C TRP A 140 5.73 15.26 -10.32
N PRO A 141 6.35 14.55 -11.27
CA PRO A 141 5.55 14.00 -12.38
C PRO A 141 4.45 13.04 -11.97
N ASN A 142 4.53 12.40 -10.80
CA ASN A 142 3.52 11.44 -10.39
C ASN A 142 2.23 12.09 -9.87
N HIS A 143 2.23 13.40 -9.63
CA HIS A 143 1.01 14.05 -9.17
C HIS A 143 -0.12 13.84 -10.17
N LYS A 144 0.14 14.11 -11.46
CA LYS A 144 -0.92 14.01 -12.44
C LYS A 144 -1.44 12.58 -12.55
N SER A 145 -0.53 11.60 -12.49
CA SER A 145 -0.94 10.20 -12.61
C SER A 145 -1.82 9.78 -11.44
N VAL A 146 -1.49 10.21 -10.22
CA VAL A 146 -2.26 9.79 -9.06
C VAL A 146 -3.69 10.32 -9.16
N PHE A 147 -3.85 11.60 -9.46
CA PHE A 147 -5.20 12.16 -9.51
C PHE A 147 -5.97 11.68 -10.74
N ASN A 148 -5.29 11.49 -11.87
CA ASN A 148 -5.97 10.92 -13.03
C ASN A 148 -6.41 9.49 -12.76
N SER A 149 -5.73 8.77 -11.86
CA SER A 149 -6.13 7.38 -11.61
C SER A 149 -7.51 7.33 -10.96
N ALA A 150 -7.91 8.39 -10.26
CA ALA A 150 -9.25 8.47 -9.72
C ALA A 150 -10.23 9.16 -10.67
N GLY A 151 -9.80 9.51 -11.88
CA GLY A 151 -10.71 10.15 -12.82
C GLY A 151 -10.81 11.64 -12.67
N LEU A 152 -9.88 12.27 -11.97
CA LEU A 152 -9.92 13.71 -11.74
C LEU A 152 -9.11 14.44 -12.83
N GLU A 153 -9.69 15.50 -13.38
CA GLU A 153 -8.95 16.36 -14.28
C GLU A 153 -7.86 17.12 -13.53
N VAL A 154 -6.67 17.19 -14.13
CA VAL A 154 -5.55 17.90 -13.55
C VAL A 154 -5.19 19.05 -14.47
N ARG A 155 -5.22 20.27 -13.93
CA ARG A 155 -4.77 21.48 -14.61
C ARG A 155 -3.49 21.99 -13.97
N GLU A 156 -2.72 22.78 -14.71
CA GLU A 156 -1.47 23.32 -14.20
C GLU A 156 -1.59 24.82 -13.96
N TYR A 157 -0.93 25.29 -12.91
CA TYR A 157 -0.72 26.72 -12.72
C TYR A 157 0.76 27.05 -12.85
N ALA A 158 1.03 28.32 -13.20
CA ALA A 158 2.39 28.79 -13.36
C ALA A 158 3.06 28.97 -12.00
N TYR A 159 4.37 28.76 -11.98
CA TYR A 159 5.10 28.78 -10.72
C TYR A 159 6.51 29.33 -10.87
N TYR A 160 7.29 28.81 -11.82
CA TYR A 160 8.72 29.04 -11.86
C TYR A 160 9.09 30.02 -12.97
N ASP A 161 9.88 31.04 -12.61
CA ASP A 161 10.48 31.97 -13.55
C ASP A 161 11.82 31.37 -13.98
N ALA A 162 11.86 30.80 -15.19
CA ALA A 162 13.05 30.11 -15.65
C ALA A 162 14.16 31.07 -16.04
N GLU A 163 13.83 32.34 -16.30
CA GLU A 163 14.83 33.37 -16.60
C GLU A 163 15.55 33.83 -15.34
N ASN A 164 14.79 34.19 -14.29
CA ASN A 164 15.37 34.69 -13.06
C ASN A 164 15.58 33.61 -12.00
N HIS A 165 15.13 32.38 -12.26
CA HIS A 165 15.26 31.27 -11.32
C HIS A 165 14.62 31.61 -9.98
N THR A 166 13.41 32.15 -10.03
CA THR A 166 12.66 32.51 -8.83
C THR A 166 11.20 32.13 -9.00
N LEU A 167 10.43 32.34 -7.94
CA LEU A 167 8.98 32.15 -7.99
C LEU A 167 8.37 33.29 -8.80
N ASP A 168 7.66 32.96 -9.88
CA ASP A 168 6.93 33.96 -10.65
C ASP A 168 5.58 34.13 -9.97
N PHE A 169 5.56 34.95 -8.93
CA PHE A 169 4.38 35.02 -8.08
C PHE A 169 3.20 35.66 -8.81
N ASP A 170 3.48 36.68 -9.65
CA ASP A 170 2.41 37.32 -10.39
C ASP A 170 1.74 36.37 -11.37
N ALA A 171 2.54 35.53 -12.05
CA ALA A 171 1.98 34.55 -12.97
C ALA A 171 1.21 33.46 -12.22
N LEU A 172 1.74 33.01 -11.07
CA LEU A 172 1.03 32.05 -10.23
C LEU A 172 -0.37 32.57 -9.88
N ILE A 173 -0.46 33.80 -9.37
CA ILE A 173 -1.75 34.39 -9.02
C ILE A 173 -2.66 34.45 -10.24
N ASN A 174 -2.16 34.99 -11.34
CA ASN A 174 -2.97 35.17 -12.54
C ASN A 174 -3.44 33.83 -13.11
N SER A 175 -2.56 32.83 -13.12
CA SER A 175 -2.92 31.55 -13.72
C SER A 175 -3.93 30.77 -12.89
N LEU A 176 -4.09 31.09 -11.61
CA LEU A 176 -5.10 30.43 -10.79
C LEU A 176 -6.41 31.20 -10.75
N ASN A 177 -6.54 32.23 -11.59
CA ASN A 177 -7.77 33.03 -11.63
C ASN A 177 -8.99 32.20 -11.95
N GLU A 178 -8.84 31.15 -12.76
CA GLU A 178 -9.98 30.36 -13.21
C GLU A 178 -10.22 29.13 -12.34
N ALA A 179 -9.45 28.95 -11.27
CA ALA A 179 -9.76 27.89 -10.32
C ALA A 179 -10.99 28.27 -9.52
N GLN A 180 -11.99 27.38 -9.52
CA GLN A 180 -13.31 27.65 -8.99
C GLN A 180 -13.41 27.22 -7.54
N ALA A 181 -14.44 27.73 -6.86
CA ALA A 181 -14.83 27.17 -5.57
C ALA A 181 -15.06 25.67 -5.73
N GLY A 182 -14.51 24.90 -4.80
CA GLY A 182 -14.63 23.47 -4.86
C GLY A 182 -13.57 22.77 -5.68
N ASP A 183 -12.72 23.51 -6.40
CA ASP A 183 -11.53 22.93 -6.98
C ASP A 183 -10.48 22.71 -5.90
N VAL A 184 -9.67 21.69 -6.09
CA VAL A 184 -8.53 21.41 -5.23
C VAL A 184 -7.31 22.12 -5.80
N VAL A 185 -6.53 22.75 -4.94
CA VAL A 185 -5.26 23.35 -5.34
C VAL A 185 -4.15 22.70 -4.53
N LEU A 186 -3.18 22.11 -5.23
CA LEU A 186 -2.08 21.40 -4.60
C LEU A 186 -0.89 22.31 -4.38
N PHE A 187 -0.42 22.35 -3.14
CA PHE A 187 0.77 23.09 -2.75
C PHE A 187 1.81 22.13 -2.18
N HIS A 188 3.09 22.37 -2.52
CA HIS A 188 4.17 21.68 -1.82
C HIS A 188 4.45 22.45 -0.53
N GLY A 189 4.52 21.73 0.59
CA GLY A 189 4.65 22.41 1.87
C GLY A 189 5.99 23.10 2.05
N CYS A 190 7.05 22.49 1.52
CA CYS A 190 8.38 23.09 1.50
C CYS A 190 9.24 22.24 0.56
N CYS A 191 10.38 22.79 0.17
CA CYS A 191 11.28 22.13 -0.77
C CYS A 191 10.52 21.70 -2.02
N HIS A 192 9.96 22.68 -2.70
CA HIS A 192 9.25 22.40 -3.94
C HIS A 192 10.04 21.44 -4.82
N ASN A 193 9.37 20.41 -5.29
CA ASN A 193 9.98 19.39 -6.12
C ASN A 193 9.46 19.58 -7.53
N PRO A 194 10.29 19.95 -8.52
CA PRO A 194 11.76 19.97 -8.58
C PRO A 194 12.52 21.28 -8.39
N THR A 195 11.85 22.40 -8.15
CA THR A 195 12.55 23.68 -8.32
C THR A 195 13.30 24.12 -7.08
N GLY A 196 12.94 23.61 -5.90
CA GLY A 196 13.54 24.07 -4.67
C GLY A 196 13.20 25.49 -4.28
N ILE A 197 12.23 26.11 -4.95
CA ILE A 197 11.81 27.48 -4.68
C ILE A 197 10.47 27.44 -3.94
N ASP A 198 10.42 28.03 -2.74
CA ASP A 198 9.22 28.01 -1.91
C ASP A 198 8.68 29.42 -1.72
N PRO A 199 7.37 29.59 -1.50
CA PRO A 199 6.88 30.93 -1.13
C PRO A 199 7.53 31.42 0.16
N THR A 200 7.70 32.73 0.26
CA THR A 200 8.02 33.32 1.54
C THR A 200 6.78 33.28 2.44
N LEU A 201 6.98 33.57 3.73
CA LEU A 201 5.86 33.59 4.66
C LEU A 201 4.80 34.60 4.20
N GLU A 202 5.24 35.80 3.78
CA GLU A 202 4.28 36.77 3.28
C GLU A 202 3.53 36.24 2.06
N GLN A 203 4.23 35.53 1.17
CA GLN A 203 3.55 34.94 0.01
C GLN A 203 2.58 33.85 0.45
N TRP A 204 2.98 33.00 1.40
CA TRP A 204 2.06 32.00 1.93
C TRP A 204 0.80 32.68 2.47
N GLN A 205 0.97 33.76 3.25
CA GLN A 205 -0.18 34.44 3.82
C GLN A 205 -1.08 35.00 2.73
N THR A 206 -0.47 35.58 1.68
CA THR A 206 -1.27 36.07 0.56
C THR A 206 -2.05 34.94 -0.10
N LEU A 207 -1.43 33.78 -0.26
CA LEU A 207 -2.13 32.65 -0.86
C LEU A 207 -3.23 32.13 0.06
N ALA A 208 -3.01 32.17 1.37
CA ALA A 208 -4.02 31.68 2.30
C ALA A 208 -5.30 32.48 2.17
N GLN A 209 -5.18 33.81 2.09
CA GLN A 209 -6.37 34.66 1.99
C GLN A 209 -7.07 34.50 0.65
N LEU A 210 -6.29 34.47 -0.44
CA LEU A 210 -6.91 34.27 -1.75
C LEU A 210 -7.69 32.96 -1.76
N SER A 211 -7.11 31.92 -1.17
CA SER A 211 -7.73 30.60 -1.18
C SER A 211 -9.08 30.61 -0.46
N VAL A 212 -9.18 31.30 0.68
CA VAL A 212 -10.45 31.35 1.38
C VAL A 212 -11.45 32.20 0.59
N GLU A 213 -10.99 33.30 0.00
N GLU A 213 -11.00 33.30 0.01
CA GLU A 213 -11.89 34.15 -0.77
CA GLU A 213 -11.89 34.15 -0.77
C GLU A 213 -12.44 33.42 -1.98
C GLU A 213 -12.45 33.39 -1.97
N LYS A 214 -11.63 32.57 -2.61
CA LYS A 214 -12.01 31.83 -3.81
C LYS A 214 -12.71 30.51 -3.51
N GLY A 215 -12.63 30.02 -2.27
CA GLY A 215 -13.27 28.78 -1.92
C GLY A 215 -12.55 27.54 -2.40
N TRP A 216 -11.24 27.60 -2.60
CA TRP A 216 -10.48 26.42 -2.93
C TRP A 216 -10.42 25.44 -1.76
N LEU A 217 -10.27 24.16 -2.08
CA LEU A 217 -9.88 23.17 -1.09
C LEU A 217 -8.38 22.95 -1.19
N PRO A 218 -7.58 23.40 -0.22
CA PRO A 218 -6.13 23.18 -0.31
C PRO A 218 -5.74 21.74 0.02
N LEU A 219 -4.84 21.21 -0.79
CA LEU A 219 -4.19 19.92 -0.54
C LEU A 219 -2.70 20.18 -0.48
N PHE A 220 -2.09 19.87 0.66
CA PHE A 220 -0.66 20.02 0.84
C PHE A 220 0.03 18.67 0.67
N ASP A 221 1.05 18.63 -0.20
CA ASP A 221 1.99 17.53 -0.29
C ASP A 221 3.22 17.92 0.52
N PHE A 222 3.52 17.15 1.57
CA PHE A 222 4.51 17.53 2.59
C PHE A 222 5.50 16.36 2.71
N ALA A 223 6.46 16.32 1.80
CA ALA A 223 7.40 15.20 1.73
C ALA A 223 8.78 15.53 2.28
N TYR A 224 9.06 16.80 2.60
CA TYR A 224 10.40 17.20 3.02
C TYR A 224 10.41 18.07 4.27
N GLN A 225 9.47 17.84 5.19
CA GLN A 225 9.46 18.64 6.41
C GLN A 225 10.79 18.50 7.12
N GLY A 226 11.51 19.61 7.30
CA GLY A 226 12.78 19.62 7.98
C GLY A 226 13.98 19.77 7.08
N PHE A 227 13.81 19.74 5.77
CA PHE A 227 14.95 19.87 4.86
C PHE A 227 15.19 21.29 4.37
N ALA A 228 14.27 22.22 4.60
CA ALA A 228 14.46 23.60 4.14
C ALA A 228 15.20 24.38 5.23
N ARG A 229 14.50 24.69 6.33
CA ARG A 229 15.09 25.35 7.47
C ARG A 229 14.98 24.56 8.76
N GLY A 230 13.86 23.88 8.99
CA GLY A 230 13.66 23.14 10.23
C GLY A 230 12.25 22.62 10.29
N LEU A 231 12.01 21.77 11.29
CA LEU A 231 10.70 21.11 11.39
C LEU A 231 9.59 22.12 11.57
N GLU A 232 9.72 23.03 12.54
CA GLU A 232 8.68 24.01 12.77
C GLU A 232 8.64 25.05 11.65
N GLU A 233 9.81 25.54 11.24
CA GLU A 233 9.84 26.61 10.23
C GLU A 233 9.23 26.13 8.91
N ASP A 234 9.48 24.87 8.53
CA ASP A 234 9.00 24.37 7.26
C ASP A 234 7.48 24.23 7.25
N ALA A 235 6.84 24.22 8.41
CA ALA A 235 5.39 24.11 8.52
C ALA A 235 4.67 25.46 8.63
N GLU A 236 5.41 26.58 8.63
CA GLU A 236 4.77 27.89 8.72
C GLU A 236 3.70 28.08 7.64
N GLY A 237 4.01 27.70 6.40
CA GLY A 237 3.05 27.90 5.33
C GLY A 237 1.77 27.13 5.55
N LEU A 238 1.89 25.83 5.81
CA LEU A 238 0.72 25.02 6.16
C LEU A 238 -0.05 25.63 7.32
N ARG A 239 0.67 26.10 8.34
CA ARG A 239 -0.03 26.59 9.52
C ARG A 239 -0.74 27.90 9.27
N ALA A 240 -0.24 28.72 8.34
CA ALA A 240 -0.98 29.92 7.95
C ALA A 240 -2.28 29.54 7.24
N PHE A 241 -2.26 28.51 6.41
CA PHE A 241 -3.49 28.01 5.80
C PHE A 241 -4.43 27.42 6.86
N ALA A 242 -3.88 26.61 7.78
CA ALA A 242 -4.72 25.97 8.77
C ALA A 242 -5.41 26.96 9.69
N ALA A 243 -4.81 28.14 9.89
CA ALA A 243 -5.43 29.13 10.77
C ALA A 243 -6.67 29.77 10.16
N MET A 244 -6.86 29.65 8.84
CA MET A 244 -7.93 30.35 8.17
C MET A 244 -8.94 29.47 7.46
N HIS A 245 -8.62 28.21 7.20
CA HIS A 245 -9.49 27.34 6.43
C HIS A 245 -10.34 26.46 7.33
N LYS A 246 -11.57 26.19 6.87
CA LYS A 246 -12.41 25.21 7.55
C LYS A 246 -12.07 23.79 7.12
N GLU A 247 -11.52 23.62 5.92
CA GLU A 247 -11.28 22.31 5.34
C GLU A 247 -9.92 22.29 4.68
N LEU A 248 -9.17 21.20 4.88
CA LEU A 248 -7.95 21.00 4.10
C LEU A 248 -7.51 19.56 4.25
N ILE A 249 -6.61 19.17 3.35
CA ILE A 249 -6.04 17.82 3.31
C ILE A 249 -4.53 17.95 3.30
N VAL A 250 -3.86 17.10 4.08
CA VAL A 250 -2.40 17.04 4.07
C VAL A 250 -2.00 15.60 3.77
N ALA A 251 -1.22 15.43 2.72
CA ALA A 251 -0.58 14.16 2.41
C ALA A 251 0.90 14.32 2.80
N SER A 252 1.33 13.61 3.84
CA SER A 252 2.69 13.76 4.32
C SER A 252 3.44 12.44 4.19
N SER A 253 4.77 12.56 4.11
CA SER A 253 5.67 11.43 3.94
C SER A 253 6.80 11.51 4.96
N TYR A 254 7.20 10.34 5.46
CA TYR A 254 8.39 10.17 6.27
C TYR A 254 9.47 9.40 5.54
N SER A 255 9.31 9.20 4.22
CA SER A 255 10.31 8.48 3.45
C SER A 255 11.67 9.16 3.57
N LYS A 256 11.71 10.47 3.40
CA LYS A 256 12.97 11.18 3.29
C LYS A 256 13.49 11.72 4.61
N ASN A 257 12.62 12.28 5.47
CA ASN A 257 13.15 12.85 6.69
C ASN A 257 13.46 11.80 7.76
N PHE A 258 12.98 10.57 7.62
CA PHE A 258 13.44 9.47 8.46
C PHE A 258 14.30 8.46 7.71
N GLY A 259 14.54 8.67 6.42
CA GLY A 259 15.26 7.68 5.64
C GLY A 259 14.59 6.32 5.57
N LEU A 260 13.25 6.29 5.57
CA LEU A 260 12.48 5.05 5.59
C LEU A 260 11.81 4.77 4.25
N TYR A 261 12.39 5.28 3.16
CA TYR A 261 11.87 5.13 1.81
C TYR A 261 11.11 3.83 1.56
N ASN A 262 11.76 2.68 1.72
CA ASN A 262 11.13 1.45 1.22
C ASN A 262 10.17 0.82 2.22
N GLU A 263 9.91 1.43 3.37
CA GLU A 263 8.94 0.89 4.30
C GLU A 263 7.56 1.55 4.17
N ARG A 264 7.44 2.60 3.35
CA ARG A 264 6.15 3.17 2.93
C ARG A 264 5.38 3.71 4.15
N VAL A 265 5.91 4.81 4.67
CA VAL A 265 5.40 5.47 5.88
C VAL A 265 4.94 6.87 5.48
N GLY A 266 3.63 7.08 5.48
CA GLY A 266 3.06 8.38 5.23
C GLY A 266 1.74 8.50 5.97
N ALA A 267 1.08 9.62 5.75
CA ALA A 267 -0.13 9.93 6.48
C ALA A 267 -1.01 10.84 5.64
N CYS A 268 -2.31 10.58 5.68
CA CYS A 268 -3.31 11.43 5.06
C CYS A 268 -4.14 12.03 6.18
N THR A 269 -4.11 13.36 6.30
CA THR A 269 -4.81 14.08 7.34
C THR A 269 -5.93 14.90 6.76
N LEU A 270 -7.13 14.68 7.29
CA LEU A 270 -8.35 15.37 6.90
C LEU A 270 -8.70 16.40 7.96
N VAL A 271 -9.03 17.62 7.52
CA VAL A 271 -9.48 18.69 8.40
C VAL A 271 -10.84 19.17 7.91
N ALA A 272 -11.81 19.22 8.83
CA ALA A 272 -13.14 19.74 8.54
C ALA A 272 -13.51 20.79 9.58
N ALA A 273 -14.70 21.38 9.40
CA ALA A 273 -15.10 22.53 10.21
C ALA A 273 -15.25 22.16 11.69
N ASP A 274 -15.66 20.93 11.97
CA ASP A 274 -15.86 20.50 13.35
C ASP A 274 -15.70 18.99 13.45
N SER A 275 -15.79 18.49 14.68
CA SER A 275 -15.49 17.10 14.97
C SER A 275 -16.50 16.18 14.32
N GLU A 276 -17.78 16.51 14.39
CA GLU A 276 -18.81 15.65 13.81
C GLU A 276 -18.61 15.50 12.30
N THR A 277 -18.26 16.59 11.63
CA THR A 277 -18.10 16.54 10.18
C THR A 277 -16.88 15.70 9.80
N VAL A 278 -15.75 15.90 10.47
CA VAL A 278 -14.54 15.18 10.05
C VAL A 278 -14.67 13.70 10.35
N ASP A 279 -15.35 13.34 11.46
CA ASP A 279 -15.56 11.92 11.74
C ASP A 279 -16.40 11.27 10.65
N ARG A 280 -17.46 11.96 10.23
CA ARG A 280 -18.32 11.46 9.16
C ARG A 280 -17.56 11.31 7.86
N ALA A 281 -16.83 12.35 7.45
CA ALA A 281 -16.00 12.24 6.25
C ALA A 281 -14.95 11.14 6.40
N PHE A 282 -14.32 11.06 7.56
CA PHE A 282 -13.25 10.08 7.75
C PHE A 282 -13.75 8.65 7.58
N SER A 283 -15.00 8.37 7.99
CA SER A 283 -15.53 7.02 7.80
C SER A 283 -15.53 6.63 6.32
N GLN A 284 -15.74 7.59 5.42
CA GLN A 284 -15.67 7.27 4.00
C GLN A 284 -14.23 7.12 3.52
N MET A 285 -13.28 7.81 4.16
CA MET A 285 -11.87 7.60 3.80
C MET A 285 -11.43 6.19 4.19
N LYS A 286 -11.87 5.71 5.35
CA LYS A 286 -11.57 4.35 5.76
C LYS A 286 -12.13 3.33 4.76
N ALA A 287 -13.36 3.57 4.27
CA ALA A 287 -13.93 2.65 3.29
C ALA A 287 -13.09 2.64 2.01
N ALA A 288 -12.57 3.80 1.62
CA ALA A 288 -11.74 3.86 0.42
C ALA A 288 -10.40 3.15 0.63
N ILE A 289 -9.89 3.12 1.86
CA ILE A 289 -8.65 2.39 2.14
C ILE A 289 -8.92 0.88 2.12
N ARG A 290 -10.02 0.46 2.73
CA ARG A 290 -10.32 -0.97 2.83
C ARG A 290 -10.40 -1.61 1.45
N ALA A 291 -10.92 -0.87 0.46
CA ALA A 291 -11.10 -1.36 -0.90
C ALA A 291 -9.85 -1.20 -1.76
N ASN A 292 -8.75 -0.70 -1.19
CA ASN A 292 -7.49 -0.53 -1.90
C ASN A 292 -6.47 -1.53 -1.37
N TYR A 293 -5.86 -1.26 -0.21
CA TYR A 293 -4.87 -2.15 0.38
C TYR A 293 -5.27 -2.63 1.77
N SER A 294 -6.51 -2.34 2.20
CA SER A 294 -7.14 -2.91 3.39
C SER A 294 -6.71 -2.24 4.68
N ASN A 295 -5.42 -2.29 5.00
CA ASN A 295 -4.86 -1.67 6.20
C ASN A 295 -3.35 -1.53 5.98
N PRO A 296 -2.69 -0.65 6.74
CA PRO A 296 -1.35 -0.19 6.32
C PRO A 296 -0.23 -1.02 6.93
N PRO A 297 0.98 -0.89 6.37
CA PRO A 297 2.14 -1.67 6.85
C PRO A 297 2.69 -1.12 8.15
N ALA A 298 2.91 -2.02 9.12
CA ALA A 298 3.18 -1.58 10.47
C ALA A 298 4.63 -1.17 10.69
N HIS A 299 5.60 -1.87 10.09
CA HIS A 299 6.98 -1.75 10.57
C HIS A 299 7.48 -0.31 10.51
N GLY A 300 7.36 0.35 9.36
CA GLY A 300 7.89 1.69 9.22
C GLY A 300 7.22 2.69 10.13
N ALA A 301 5.89 2.66 10.19
CA ALA A 301 5.16 3.58 11.05
C ALA A 301 5.42 3.30 12.54
N SER A 302 5.64 2.05 12.93
CA SER A 302 6.00 1.78 14.32
C SER A 302 7.33 2.43 14.66
N VAL A 303 8.31 2.34 13.75
CA VAL A 303 9.58 3.01 13.95
C VAL A 303 9.37 4.50 14.22
N VAL A 304 8.58 5.15 13.36
CA VAL A 304 8.38 6.59 13.49
C VAL A 304 7.69 6.91 14.82
N ALA A 305 6.64 6.15 15.15
CA ALA A 305 5.91 6.42 16.38
C ALA A 305 6.80 6.21 17.59
N THR A 306 7.66 5.19 17.54
CA THR A 306 8.60 4.95 18.63
C THR A 306 9.55 6.13 18.81
N ILE A 307 10.14 6.62 17.71
CA ILE A 307 11.14 7.69 17.83
C ILE A 307 10.50 8.99 18.32
N LEU A 308 9.35 9.35 17.74
CA LEU A 308 8.70 10.61 18.11
C LEU A 308 8.15 10.59 19.52
N SER A 309 7.93 9.41 20.09
CA SER A 309 7.38 9.28 21.44
C SER A 309 8.43 9.20 22.54
N ASN A 310 9.70 9.11 22.18
CA ASN A 310 10.79 8.94 23.15
C ASN A 310 11.69 10.14 23.01
N ASP A 311 11.82 10.92 24.09
CA ASP A 311 12.60 12.16 24.02
C ASP A 311 14.03 11.90 23.61
N ALA A 312 14.60 10.78 24.05
CA ALA A 312 16.00 10.49 23.76
C ALA A 312 16.19 10.10 22.30
N LEU A 313 15.32 9.23 21.77
CA LEU A 313 15.43 8.87 20.36
C LEU A 313 15.09 10.04 19.46
N ARG A 314 14.11 10.86 19.86
CA ARG A 314 13.72 12.00 19.05
C ARG A 314 14.86 13.00 18.94
N ALA A 315 15.63 13.18 20.02
CA ALA A 315 16.75 14.11 19.96
C ALA A 315 17.84 13.58 19.03
N ILE A 316 18.06 12.27 19.02
CA ILE A 316 19.01 11.68 18.07
C ILE A 316 18.53 11.92 16.64
N TRP A 317 17.26 11.60 16.37
CA TRP A 317 16.72 11.76 15.02
C TRP A 317 16.85 13.21 14.55
N GLU A 318 16.48 14.15 15.42
CA GLU A 318 16.50 15.56 15.01
C GLU A 318 17.91 15.98 14.62
N GLN A 319 18.92 15.49 15.34
CA GLN A 319 20.28 15.83 14.97
C GLN A 319 20.66 15.19 13.64
N GLU A 320 20.23 13.94 13.42
CA GLU A 320 20.52 13.28 12.15
C GLU A 320 19.89 14.03 10.97
N LEU A 321 18.71 14.59 11.18
CA LEU A 321 18.07 15.37 10.12
C LEU A 321 18.82 16.66 9.87
N THR A 322 19.21 17.36 10.94
CA THR A 322 20.07 18.53 10.80
C THR A 322 21.35 18.19 10.07
N ASP A 323 21.96 17.06 10.39
CA ASP A 323 23.21 16.66 9.73
C ASP A 323 22.99 16.50 8.23
N MET A 324 21.91 15.80 7.84
CA MET A 324 21.62 15.64 6.42
C MET A 324 21.46 17.00 5.74
N ARG A 325 20.67 17.88 6.37
CA ARG A 325 20.43 19.19 5.75
C ARG A 325 21.73 19.95 5.57
N GLN A 326 22.60 19.90 6.57
CA GLN A 326 23.85 20.64 6.48
C GLN A 326 24.76 20.10 5.39
N ARG A 327 24.83 18.77 5.22
CA ARG A 327 25.72 18.23 4.20
C ARG A 327 25.25 18.68 2.81
N ILE A 328 23.93 18.68 2.61
CA ILE A 328 23.38 19.10 1.33
C ILE A 328 23.75 20.55 1.05
N GLN A 329 23.61 21.41 2.06
CA GLN A 329 23.98 22.81 1.90
C GLN A 329 25.45 22.97 1.54
N ARG A 330 26.34 22.19 2.17
CA ARG A 330 27.76 22.29 1.80
C ARG A 330 27.97 21.83 0.37
N MET A 331 27.26 20.78 -0.07
CA MET A 331 27.40 20.30 -1.44
C MET A 331 26.90 21.33 -2.46
N ARG A 332 25.83 22.08 -2.14
CA ARG A 332 25.37 23.12 -3.07
C ARG A 332 26.48 24.13 -3.32
N GLN A 333 27.08 24.64 -2.24
CA GLN A 333 28.15 25.61 -2.37
C GLN A 333 29.33 25.03 -3.16
N LEU A 334 29.70 23.78 -2.87
CA LEU A 334 30.82 23.17 -3.56
C LEU A 334 30.52 22.97 -5.04
N PHE A 335 29.26 22.67 -5.36
CA PHE A 335 28.83 22.50 -6.75
C PHE A 335 29.01 23.79 -7.54
N VAL A 336 28.49 24.90 -7.01
CA VAL A 336 28.65 26.19 -7.68
C VAL A 336 30.13 26.56 -7.80
N ASN A 337 30.89 26.41 -6.72
CA ASN A 337 32.31 26.76 -6.76
C ASN A 337 33.06 25.94 -7.80
N THR A 338 32.81 24.62 -7.83
CA THR A 338 33.58 23.75 -8.72
C THR A 338 33.16 23.93 -10.19
N LEU A 339 31.88 24.22 -10.46
CA LEU A 339 31.50 24.55 -11.83
C LEU A 339 32.30 25.76 -12.32
N GLN A 340 32.49 26.75 -11.46
CA GLN A 340 33.26 27.93 -11.83
C GLN A 340 34.71 27.57 -12.09
N GLU A 341 35.33 26.80 -11.19
CA GLU A 341 36.74 26.50 -11.35
C GLU A 341 36.98 25.59 -12.54
N LYS A 342 36.00 24.78 -12.93
CA LYS A 342 36.14 23.97 -14.12
C LYS A 342 35.81 24.74 -15.40
N GLY A 343 35.44 26.00 -15.30
CA GLY A 343 35.35 26.86 -16.45
C GLY A 343 33.95 27.11 -16.99
N ALA A 344 32.91 26.85 -16.22
CA ALA A 344 31.58 27.28 -16.64
C ALA A 344 31.56 28.79 -16.73
N ASN A 345 31.03 29.31 -17.83
CA ASN A 345 30.77 30.74 -17.95
C ASN A 345 29.34 31.09 -17.55
N ARG A 346 28.43 30.13 -17.60
CA ARG A 346 27.09 30.37 -17.07
C ARG A 346 27.15 30.51 -15.56
N ASP A 347 26.39 31.47 -15.04
CA ASP A 347 26.35 31.75 -13.61
C ASP A 347 25.33 30.83 -12.95
N PHE A 348 25.78 29.96 -12.05
CA PHE A 348 24.94 28.99 -11.36
C PHE A 348 24.64 29.37 -9.92
N SER A 349 24.90 30.61 -9.52
CA SER A 349 24.76 30.98 -8.12
C SER A 349 23.32 30.88 -7.63
N PHE A 350 22.33 30.87 -8.54
CA PHE A 350 20.92 30.73 -8.13
C PHE A 350 20.70 29.41 -7.40
N ILE A 351 21.51 28.40 -7.70
CA ILE A 351 21.40 27.10 -7.04
C ILE A 351 21.53 27.23 -5.52
N ILE A 352 22.26 28.23 -5.04
CA ILE A 352 22.44 28.38 -3.60
C ILE A 352 21.13 28.76 -2.92
N LYS A 353 20.23 29.42 -3.65
CA LYS A 353 18.95 29.88 -3.12
C LYS A 353 17.89 28.78 -3.07
N GLN A 354 18.16 27.62 -3.63
CA GLN A 354 17.16 26.57 -3.71
C GLN A 354 17.22 25.68 -2.47
N ASN A 355 16.05 25.23 -2.03
CA ASN A 355 15.88 24.47 -0.81
C ASN A 355 15.72 22.99 -1.12
N GLY A 356 16.25 22.16 -0.22
CA GLY A 356 15.99 20.74 -0.30
C GLY A 356 17.12 19.94 -0.91
N MET A 357 16.76 18.82 -1.54
CA MET A 357 17.73 17.88 -2.07
C MET A 357 18.17 18.19 -3.49
N PHE A 358 17.39 18.95 -4.23
CA PHE A 358 17.61 19.04 -5.66
C PHE A 358 18.18 20.39 -6.05
N SER A 359 18.73 20.41 -7.27
CA SER A 359 19.05 21.62 -7.99
C SER A 359 18.30 21.54 -9.32
N PHE A 360 17.54 22.57 -9.62
CA PHE A 360 16.84 22.64 -10.91
C PHE A 360 17.76 23.43 -11.83
N SER A 361 18.50 22.69 -12.67
CA SER A 361 19.76 23.19 -13.22
C SER A 361 19.60 24.06 -14.45
N GLY A 362 18.46 23.98 -15.14
CA GLY A 362 18.30 24.62 -16.42
C GLY A 362 18.86 23.87 -17.60
N LEU A 363 19.42 22.68 -17.41
CA LEU A 363 19.84 21.87 -18.53
C LEU A 363 18.64 21.42 -19.33
N THR A 364 18.81 21.32 -20.65
CA THR A 364 17.80 20.81 -21.56
C THR A 364 17.76 19.28 -21.54
N LYS A 365 16.65 18.72 -22.06
CA LYS A 365 16.56 17.28 -22.25
C LYS A 365 17.75 16.76 -23.05
N GLU A 366 18.18 17.51 -24.06
CA GLU A 366 19.28 17.05 -24.90
C GLU A 366 20.59 17.00 -24.12
N GLN A 367 20.82 17.97 -23.25
CA GLN A 367 22.02 17.96 -22.43
C GLN A 367 21.97 16.87 -21.38
N VAL A 368 20.79 16.57 -20.85
CA VAL A 368 20.66 15.49 -19.88
C VAL A 368 20.96 14.14 -20.53
N LEU A 369 20.43 13.92 -21.74
CA LEU A 369 20.71 12.66 -22.43
C LEU A 369 22.19 12.53 -22.77
N ARG A 370 22.84 13.65 -23.13
CA ARG A 370 24.26 13.60 -23.46
C ARG A 370 25.10 13.29 -22.23
N LEU A 371 24.78 13.91 -21.09
CA LEU A 371 25.45 13.54 -19.85
C LEU A 371 25.37 12.03 -19.61
N ARG A 372 24.20 11.45 -19.84
CA ARG A 372 24.04 10.03 -19.62
C ARG A 372 24.87 9.22 -20.62
N GLU A 373 24.70 9.48 -21.91
CA GLU A 373 25.32 8.62 -22.93
C GLU A 373 26.81 8.83 -23.04
N GLU A 374 27.29 10.04 -22.80
CA GLU A 374 28.69 10.38 -23.03
C GLU A 374 29.54 10.35 -21.76
N PHE A 375 28.95 10.60 -20.60
CA PHE A 375 29.73 10.73 -19.37
C PHE A 375 29.24 9.82 -18.25
N GLY A 376 28.15 9.08 -18.46
CA GLY A 376 27.62 8.22 -17.41
C GLY A 376 27.07 8.96 -16.22
N VAL A 377 26.66 10.21 -16.39
CA VAL A 377 26.05 11.01 -15.33
C VAL A 377 24.54 11.00 -15.55
N TYR A 378 23.80 10.59 -14.51
CA TYR A 378 22.38 10.29 -14.60
C TYR A 378 21.59 11.33 -13.80
N ALA A 379 20.79 12.11 -14.51
CA ALA A 379 19.86 13.08 -13.94
C ALA A 379 18.49 12.84 -14.54
N VAL A 380 17.49 13.55 -14.03
CA VAL A 380 16.14 13.50 -14.57
C VAL A 380 16.08 14.41 -15.79
N ALA A 381 15.30 14.00 -16.80
CA ALA A 381 15.28 14.69 -18.09
C ALA A 381 14.75 16.12 -18.00
N SER A 382 14.15 16.49 -16.87
CA SER A 382 13.74 17.86 -16.61
C SER A 382 14.90 18.77 -16.24
N GLY A 383 16.09 18.22 -16.05
CA GLY A 383 17.21 18.98 -15.55
C GLY A 383 17.36 18.94 -14.05
N ARG A 384 16.48 18.21 -13.36
CA ARG A 384 16.57 18.06 -11.92
C ARG A 384 17.75 17.16 -11.57
N VAL A 385 18.65 17.67 -10.75
CA VAL A 385 19.83 16.93 -10.31
C VAL A 385 19.78 16.84 -8.80
N ASN A 386 20.12 15.66 -8.26
CA ASN A 386 20.08 15.43 -6.82
C ASN A 386 21.41 15.85 -6.21
N VAL A 387 21.42 17.03 -5.58
CA VAL A 387 22.62 17.50 -4.90
C VAL A 387 23.02 16.57 -3.78
N ALA A 388 22.04 15.94 -3.12
CA ALA A 388 22.36 15.04 -2.04
C ALA A 388 23.09 13.78 -2.52
N GLY A 389 23.24 13.60 -3.83
CA GLY A 389 24.03 12.53 -4.39
C GLY A 389 25.44 12.93 -4.74
N MET A 390 25.78 14.21 -4.55
CA MET A 390 27.13 14.70 -4.80
C MET A 390 28.01 14.47 -3.58
N THR A 391 29.28 14.19 -3.83
CA THR A 391 30.25 13.93 -2.78
C THR A 391 31.54 14.66 -3.11
N PRO A 392 32.39 14.88 -2.12
CA PRO A 392 33.74 15.39 -2.40
C PRO A 392 34.47 14.61 -3.48
N ASP A 393 34.22 13.30 -3.57
CA ASP A 393 34.95 12.45 -4.51
C ASP A 393 34.43 12.53 -5.94
N ASN A 394 33.13 12.78 -6.13
CA ASN A 394 32.58 12.78 -7.48
C ASN A 394 32.31 14.18 -8.02
N MET A 395 32.60 15.22 -7.24
CA MET A 395 32.23 16.57 -7.62
C MET A 395 32.99 17.03 -8.85
N ALA A 396 34.30 16.83 -8.86
CA ALA A 396 35.10 17.29 -10.00
C ALA A 396 34.71 16.59 -11.30
N PRO A 397 34.67 15.26 -11.39
CA PRO A 397 34.22 14.64 -12.64
C PRO A 397 32.83 15.09 -13.06
N LEU A 398 31.92 15.19 -12.09
N LEU A 398 31.90 15.16 -12.11
CA LEU A 398 30.56 15.65 -12.34
CA LEU A 398 30.56 15.65 -12.42
C LEU A 398 30.55 17.02 -13.00
C LEU A 398 30.61 17.02 -13.08
N CYS A 399 31.33 17.96 -12.47
CA CYS A 399 31.33 19.32 -13.00
C CYS A 399 32.02 19.39 -14.36
N GLU A 400 33.10 18.62 -14.55
CA GLU A 400 33.73 18.54 -15.86
C GLU A 400 32.73 18.07 -16.92
N ALA A 401 31.87 17.10 -16.56
CA ALA A 401 30.90 16.59 -17.52
C ALA A 401 29.83 17.63 -17.86
N ILE A 402 29.36 18.37 -16.86
CA ILE A 402 28.36 19.40 -17.11
C ILE A 402 28.94 20.50 -17.99
N VAL A 403 30.13 20.99 -17.63
CA VAL A 403 30.77 22.05 -18.40
C VAL A 403 30.91 21.65 -19.87
N ALA A 404 31.11 20.36 -20.14
CA ALA A 404 31.35 19.90 -21.50
C ALA A 404 30.08 19.94 -22.36
N VAL A 405 28.91 19.74 -21.76
CA VAL A 405 27.67 19.75 -22.53
C VAL A 405 27.03 21.14 -22.60
N LEU A 406 27.65 22.13 -21.98
CA LEU A 406 27.08 23.48 -21.97
C LEU A 406 27.37 24.21 -23.28
N HIS B 8 -18.39 30.07 1.91
CA HIS B 8 -18.64 29.04 0.90
C HIS B 8 -19.29 27.82 1.54
N VAL B 9 -19.84 26.95 0.70
CA VAL B 9 -20.76 25.92 1.18
C VAL B 9 -20.04 24.82 1.95
N GLY B 10 -18.82 24.48 1.58
CA GLY B 10 -18.08 23.46 2.31
C GLY B 10 -18.13 22.09 1.66
N THR B 11 -16.95 21.55 1.32
CA THR B 11 -16.88 20.38 0.46
C THR B 11 -17.19 19.08 1.17
N PHE B 12 -16.94 18.99 2.48
CA PHE B 12 -17.23 17.78 3.23
C PHE B 12 -18.59 17.80 3.93
N GLU B 13 -19.28 18.95 3.92
N GLU B 13 -19.30 18.92 3.90
CA GLU B 13 -20.46 19.11 4.77
CA GLU B 13 -20.43 19.11 4.79
C GLU B 13 -21.48 18.01 4.55
C GLU B 13 -21.59 18.16 4.52
N ASN B 14 -21.73 17.64 3.30
CA ASN B 14 -22.82 16.72 2.99
C ASN B 14 -22.42 15.27 2.79
N ILE B 15 -21.20 14.88 3.16
CA ILE B 15 -20.83 13.48 3.04
C ILE B 15 -21.68 12.64 3.98
N THR B 16 -22.13 11.50 3.47
CA THR B 16 -22.84 10.52 4.27
C THR B 16 -21.85 9.60 4.98
N ALA B 17 -22.20 9.19 6.20
CA ALA B 17 -21.33 8.28 6.94
C ALA B 17 -21.36 6.90 6.32
N ALA B 18 -20.21 6.26 6.32
CA ALA B 18 -20.09 4.92 5.78
C ALA B 18 -20.44 3.89 6.85
N PRO B 19 -21.10 2.81 6.47
CA PRO B 19 -21.32 1.72 7.42
C PRO B 19 -19.99 1.09 7.82
N ALA B 20 -19.98 0.48 8.99
CA ALA B 20 -18.76 -0.17 9.43
C ALA B 20 -18.51 -1.43 8.59
N ASP B 21 -17.27 -1.83 8.52
CA ASP B 21 -16.91 -3.02 7.76
C ASP B 21 -17.44 -4.25 8.50
N PRO B 22 -18.11 -5.17 7.80
CA PRO B 22 -18.68 -6.34 8.49
C PRO B 22 -17.66 -7.18 9.23
N ILE B 23 -16.39 -7.11 8.85
CA ILE B 23 -15.35 -7.91 9.49
C ILE B 23 -14.55 -7.00 10.42
N LEU B 24 -13.93 -5.95 9.86
CA LEU B 24 -13.00 -5.13 10.63
C LEU B 24 -13.70 -4.27 11.67
N GLY B 25 -14.99 -3.99 11.48
CA GLY B 25 -15.74 -3.31 12.53
C GLY B 25 -15.90 -4.15 13.77
N LEU B 26 -15.94 -5.48 13.63
CA LEU B 26 -16.06 -6.36 14.79
C LEU B 26 -14.89 -6.19 15.73
N ALA B 27 -13.69 -5.99 15.18
CA ALA B 27 -12.51 -5.75 16.01
C ALA B 27 -12.77 -4.61 16.98
N ASP B 28 -13.35 -3.50 16.47
CA ASP B 28 -13.63 -2.35 17.32
C ASP B 28 -14.63 -2.70 18.40
N LEU B 29 -15.79 -3.25 18.02
CA LEU B 29 -16.76 -3.71 19.00
C LEU B 29 -16.11 -4.62 20.04
N PHE B 30 -15.33 -5.61 19.58
CA PHE B 30 -14.76 -6.58 20.50
C PHE B 30 -13.83 -5.91 21.52
N ARG B 31 -13.02 -4.93 21.08
CA ARG B 31 -12.11 -4.25 22.00
C ARG B 31 -12.87 -3.55 23.12
N ALA B 32 -13.95 -2.84 22.76
CA ALA B 32 -14.66 -2.03 23.74
C ALA B 32 -15.39 -2.87 24.77
N ASP B 33 -15.78 -4.09 24.42
CA ASP B 33 -16.50 -4.96 25.35
C ASP B 33 -15.65 -5.18 26.61
N GLU B 34 -16.24 -4.92 27.76
CA GLU B 34 -15.52 -4.98 29.02
C GLU B 34 -15.67 -6.31 29.74
N ARG B 35 -16.45 -7.23 29.19
CA ARG B 35 -16.67 -8.50 29.86
C ARG B 35 -15.43 -9.38 29.73
N PRO B 36 -14.92 -9.92 30.83
CA PRO B 36 -13.65 -10.69 30.74
C PRO B 36 -13.78 -11.99 29.97
N GLY B 37 -14.97 -12.55 29.82
CA GLY B 37 -15.12 -13.81 29.12
C GLY B 37 -15.31 -13.73 27.63
N LYS B 38 -15.26 -12.54 27.05
CA LYS B 38 -15.55 -12.37 25.63
C LYS B 38 -14.67 -13.27 24.77
N ILE B 39 -15.24 -13.74 23.67
CA ILE B 39 -14.58 -14.67 22.76
C ILE B 39 -14.64 -14.11 21.35
N ASN B 40 -13.50 -14.08 20.66
CA ASN B 40 -13.37 -13.48 19.34
C ASN B 40 -13.28 -14.57 18.26
N LEU B 41 -14.35 -14.74 17.50
CA LEU B 41 -14.39 -15.67 16.37
C LEU B 41 -14.63 -14.95 15.05
N GLY B 42 -14.24 -13.67 14.98
CA GLY B 42 -14.52 -12.87 13.80
C GLY B 42 -13.38 -12.86 12.79
N ILE B 43 -12.49 -11.88 12.94
CA ILE B 43 -11.46 -11.62 11.93
C ILE B 43 -10.60 -12.87 11.75
N GLY B 44 -10.20 -13.12 10.49
CA GLY B 44 -9.46 -14.32 10.15
C GLY B 44 -7.98 -14.28 10.45
N VAL B 45 -7.61 -14.22 11.72
CA VAL B 45 -6.23 -14.39 12.15
C VAL B 45 -6.13 -15.72 12.89
N TYR B 46 -4.93 -16.28 12.92
CA TYR B 46 -4.67 -17.51 13.66
C TYR B 46 -4.39 -17.21 15.13
N PHE B 47 -5.02 -17.97 16.03
CA PHE B 47 -4.69 -17.95 17.44
C PHE B 47 -4.10 -19.30 17.82
N ASP B 48 -3.18 -19.28 18.79
CA ASP B 48 -2.59 -20.52 19.26
C ASP B 48 -3.41 -21.04 20.44
N GLU B 49 -2.93 -22.12 21.05
CA GLU B 49 -3.66 -22.78 22.12
C GLU B 49 -3.98 -21.85 23.28
N THR B 50 -3.22 -20.77 23.46
CA THR B 50 -3.42 -19.87 24.59
C THR B 50 -4.27 -18.66 24.25
N GLY B 51 -4.76 -18.58 23.01
CA GLY B 51 -5.61 -17.47 22.61
C GLY B 51 -4.91 -16.20 22.19
N LYS B 52 -3.61 -16.28 21.87
CA LYS B 52 -2.83 -15.17 21.36
C LYS B 52 -2.53 -15.39 19.89
N CYS B 53 -2.24 -14.29 19.18
CA CYS B 53 -1.83 -14.32 17.77
C CYS B 53 -0.32 -14.09 17.69
N PRO B 54 0.49 -15.15 17.74
CA PRO B 54 1.92 -14.97 17.93
C PRO B 54 2.65 -14.62 16.65
N VAL B 55 3.89 -14.16 16.82
CA VAL B 55 4.83 -14.05 15.72
C VAL B 55 5.52 -15.41 15.57
N LEU B 56 5.59 -15.91 14.34
CA LEU B 56 6.24 -17.19 14.09
C LEU B 56 7.73 -17.10 14.43
N THR B 57 8.27 -18.22 14.91
CA THR B 57 9.71 -18.28 15.22
C THR B 57 10.54 -18.03 13.98
N SER B 58 10.16 -18.62 12.85
CA SER B 58 10.90 -18.39 11.61
C SER B 58 10.92 -16.91 11.24
N VAL B 59 9.82 -16.20 11.50
CA VAL B 59 9.75 -14.77 11.21
C VAL B 59 10.67 -13.98 12.14
N LYS B 60 10.59 -14.24 13.45
CA LYS B 60 11.49 -13.55 14.38
C LYS B 60 12.97 -13.76 14.01
N LYS B 61 13.35 -14.99 13.65
CA LYS B 61 14.73 -15.23 13.24
C LYS B 61 15.08 -14.42 11.99
N ALA B 62 14.18 -14.36 11.03
CA ALA B 62 14.45 -13.59 9.82
C ALA B 62 14.55 -12.09 10.13
N GLU B 63 13.69 -11.59 11.01
CA GLU B 63 13.76 -10.18 11.37
C GLU B 63 15.07 -9.84 12.05
N GLN B 64 15.53 -10.74 12.93
N GLN B 64 15.55 -10.72 12.94
CA GLN B 64 16.83 -10.56 13.58
CA GLN B 64 16.85 -10.50 13.57
C GLN B 64 17.95 -10.50 12.54
C GLN B 64 17.96 -10.48 12.52
N TYR B 65 17.89 -11.36 11.52
CA TYR B 65 18.88 -11.33 10.45
C TYR B 65 18.85 -9.99 9.71
N LEU B 66 17.65 -9.51 9.36
CA LEU B 66 17.53 -8.25 8.65
C LEU B 66 18.07 -7.09 9.49
N LEU B 67 17.75 -7.07 10.77
CA LEU B 67 18.18 -5.96 11.61
C LEU B 67 19.70 -5.84 11.59
N GLU B 68 20.41 -6.96 11.64
N GLU B 68 20.41 -6.96 11.64
CA GLU B 68 21.86 -6.94 11.73
CA GLU B 68 21.87 -6.91 11.72
C GLU B 68 22.56 -6.84 10.38
C GLU B 68 22.50 -6.63 10.36
N ASN B 69 21.85 -7.02 9.26
CA ASN B 69 22.49 -6.97 7.95
C ASN B 69 21.94 -5.94 6.97
N GLU B 70 20.79 -5.33 7.25
CA GLU B 70 20.26 -4.30 6.38
C GLU B 70 21.14 -3.06 6.45
N THR B 71 21.55 -2.54 5.29
CA THR B 71 22.38 -1.35 5.22
C THR B 71 21.68 -0.16 4.62
N THR B 72 20.49 -0.31 4.03
CA THR B 72 19.78 0.81 3.43
C THR B 72 18.28 0.53 3.44
N LYS B 73 17.49 1.60 3.40
CA LYS B 73 16.05 1.52 3.14
C LYS B 73 15.68 2.18 1.80
N SER B 74 16.66 2.32 0.90
CA SER B 74 16.40 2.93 -0.40
C SER B 74 15.26 2.21 -1.10
N TYR B 75 14.50 2.97 -1.89
CA TYR B 75 13.31 2.44 -2.54
C TYR B 75 13.56 1.14 -3.27
N LEU B 76 12.64 0.20 -3.12
CA LEU B 76 12.59 -0.92 -4.03
C LEU B 76 12.14 -0.45 -5.41
N GLY B 77 12.34 -1.29 -6.41
CA GLY B 77 11.65 -1.09 -7.67
C GLY B 77 10.14 -1.19 -7.49
N ILE B 78 9.42 -0.69 -8.49
CA ILE B 78 7.96 -0.69 -8.45
C ILE B 78 7.41 -2.09 -8.18
N ASP B 79 8.04 -3.12 -8.75
CA ASP B 79 7.56 -4.49 -8.59
C ASP B 79 8.18 -5.21 -7.41
N GLY B 80 9.01 -4.54 -6.63
CA GLY B 80 9.48 -5.10 -5.37
C GLY B 80 10.74 -5.92 -5.52
N ILE B 81 10.93 -6.81 -4.55
CA ILE B 81 12.15 -7.61 -4.42
C ILE B 81 12.14 -8.75 -5.44
N PRO B 82 13.13 -8.82 -6.33
CA PRO B 82 13.11 -9.91 -7.34
C PRO B 82 13.01 -11.30 -6.75
N GLU B 83 13.83 -11.62 -5.76
CA GLU B 83 13.79 -12.96 -5.16
C GLU B 83 12.42 -13.28 -4.58
N PHE B 84 11.72 -12.27 -4.04
CA PHE B 84 10.35 -12.49 -3.58
C PHE B 84 9.46 -12.93 -4.74
N GLY B 85 9.65 -12.35 -5.92
CA GLY B 85 8.84 -12.74 -7.07
C GLY B 85 9.15 -14.14 -7.56
N ARG B 86 10.44 -14.47 -7.69
CA ARG B 86 10.84 -15.82 -8.10
C ARG B 86 10.29 -16.86 -7.13
N CYS B 87 10.47 -16.63 -5.82
CA CYS B 87 9.98 -17.58 -4.84
C CYS B 87 8.46 -17.72 -4.91
N THR B 88 7.75 -16.62 -5.18
CA THR B 88 6.30 -16.69 -5.26
C THR B 88 5.86 -17.52 -6.46
N GLN B 89 6.51 -17.37 -7.61
CA GLN B 89 6.11 -18.13 -8.78
C GLN B 89 6.36 -19.62 -8.60
N GLU B 90 7.44 -19.99 -7.88
CA GLU B 90 7.70 -21.40 -7.63
C GLU B 90 6.63 -22.00 -6.73
N LEU B 91 6.21 -21.27 -5.69
CA LEU B 91 5.17 -21.76 -4.78
C LEU B 91 3.86 -21.99 -5.52
N LEU B 92 3.51 -21.07 -6.42
CA LEU B 92 2.23 -21.14 -7.11
C LEU B 92 2.23 -22.24 -8.17
N PHE B 93 3.29 -22.28 -8.99
CA PHE B 93 3.33 -23.11 -10.18
C PHE B 93 4.27 -24.30 -10.07
N GLY B 94 5.10 -24.37 -9.05
CA GLY B 94 5.99 -25.52 -8.92
C GLY B 94 7.34 -25.30 -9.57
N LYS B 95 8.36 -25.94 -9.00
CA LYS B 95 9.75 -25.61 -9.31
C LYS B 95 10.05 -25.72 -10.79
N GLY B 96 9.45 -26.66 -11.50
CA GLY B 96 9.84 -26.87 -12.88
C GLY B 96 8.87 -26.35 -13.92
N SER B 97 8.00 -25.41 -13.54
CA SER B 97 6.87 -25.07 -14.37
C SER B 97 7.28 -24.52 -15.74
N ALA B 98 6.55 -24.94 -16.77
CA ALA B 98 6.75 -24.39 -18.11
C ALA B 98 6.36 -22.91 -18.17
N LEU B 99 5.38 -22.48 -17.37
CA LEU B 99 5.10 -21.05 -17.32
C LEU B 99 6.33 -20.25 -16.92
N ILE B 100 7.19 -20.84 -16.08
CA ILE B 100 8.40 -20.14 -15.64
C ILE B 100 9.51 -20.31 -16.67
N ASN B 101 9.70 -21.52 -17.19
CA ASN B 101 10.74 -21.71 -18.18
C ASN B 101 10.47 -20.90 -19.44
N ASP B 102 9.20 -20.73 -19.79
CA ASP B 102 8.82 -19.97 -20.98
C ASP B 102 8.69 -18.47 -20.71
N LYS B 103 8.96 -18.03 -19.48
CA LYS B 103 8.97 -16.60 -19.13
C LYS B 103 7.62 -15.94 -19.45
N ARG B 104 6.54 -16.66 -19.15
CA ARG B 104 5.19 -16.19 -19.38
C ARG B 104 4.56 -15.51 -18.17
N ALA B 105 5.26 -15.46 -17.04
CA ALA B 105 4.69 -14.90 -15.81
C ALA B 105 5.55 -13.76 -15.29
N ARG B 106 4.89 -12.71 -14.78
CA ARG B 106 5.55 -11.60 -14.12
C ARG B 106 4.85 -11.33 -12.80
N THR B 107 5.64 -11.00 -11.78
CA THR B 107 5.10 -10.84 -10.43
C THR B 107 5.49 -9.49 -9.85
N ALA B 108 4.50 -8.80 -9.31
CA ALA B 108 4.72 -7.60 -8.51
C ALA B 108 4.41 -7.92 -7.07
N GLN B 109 5.36 -7.63 -6.20
CA GLN B 109 5.11 -7.57 -4.76
C GLN B 109 4.15 -6.42 -4.46
N THR B 110 3.10 -6.72 -3.68
CA THR B 110 2.05 -5.77 -3.35
C THR B 110 1.81 -5.70 -1.86
N PRO B 111 1.09 -4.66 -1.39
CA PRO B 111 0.74 -4.58 0.04
C PRO B 111 -0.47 -5.44 0.39
N GLY B 112 -0.18 -6.71 0.67
CA GLY B 112 -1.21 -7.67 0.99
C GLY B 112 -1.84 -8.27 -0.25
N GLY B 113 -2.68 -9.29 -0.01
CA GLY B 113 -3.51 -9.80 -1.08
C GLY B 113 -4.58 -8.83 -1.53
N THR B 114 -5.11 -8.03 -0.60
CA THR B 114 -6.04 -6.97 -1.01
C THR B 114 -5.38 -6.04 -2.01
N GLY B 115 -4.19 -5.53 -1.69
CA GLY B 115 -3.47 -4.69 -2.63
C GLY B 115 -3.29 -5.35 -3.99
N ALA B 116 -2.98 -6.65 -4.00
CA ALA B 116 -2.87 -7.37 -5.26
C ALA B 116 -4.21 -7.39 -6.00
N LEU B 117 -5.32 -7.55 -5.27
CA LEU B 117 -6.63 -7.54 -5.93
C LEU B 117 -6.94 -6.18 -6.54
N ARG B 118 -6.63 -5.08 -5.83
CA ARG B 118 -6.91 -3.75 -6.36
C ARG B 118 -6.00 -3.43 -7.55
N VAL B 119 -4.74 -3.85 -7.50
CA VAL B 119 -3.82 -3.62 -8.62
C VAL B 119 -4.33 -4.32 -9.89
N ALA B 120 -4.68 -5.60 -9.76
CA ALA B 120 -5.27 -6.32 -10.89
C ALA B 120 -6.51 -5.60 -11.41
N ALA B 121 -7.38 -5.17 -10.51
CA ALA B 121 -8.62 -4.50 -10.89
C ALA B 121 -8.35 -3.20 -11.65
N ASP B 122 -7.53 -2.31 -11.06
CA ASP B 122 -7.15 -1.09 -11.76
C ASP B 122 -6.52 -1.42 -13.12
N PHE B 123 -5.60 -2.38 -13.14
CA PHE B 123 -4.93 -2.72 -14.40
C PHE B 123 -5.93 -3.13 -15.46
N LEU B 124 -6.88 -4.00 -15.09
CA LEU B 124 -7.89 -4.45 -16.04
C LEU B 124 -8.79 -3.30 -16.48
N ALA B 125 -9.23 -2.47 -15.54
CA ALA B 125 -10.22 -1.45 -15.88
C ALA B 125 -9.63 -0.40 -16.81
N LYS B 126 -8.32 -0.15 -16.74
CA LYS B 126 -7.72 0.95 -17.47
C LYS B 126 -7.03 0.53 -18.77
N ASN B 127 -6.81 -0.77 -18.97
CA ASN B 127 -6.02 -1.21 -20.11
C ASN B 127 -6.67 -2.28 -20.96
N THR B 128 -7.82 -2.82 -20.56
CA THR B 128 -8.50 -3.85 -21.32
C THR B 128 -9.96 -3.46 -21.51
N SER B 129 -10.72 -4.32 -22.16
CA SER B 129 -12.15 -4.14 -22.36
C SER B 129 -12.98 -4.86 -21.30
N VAL B 130 -12.36 -5.33 -20.22
CA VAL B 130 -13.10 -6.04 -19.18
C VAL B 130 -14.07 -5.10 -18.50
N LYS B 131 -15.32 -5.56 -18.34
CA LYS B 131 -16.36 -4.81 -17.65
C LYS B 131 -16.91 -5.52 -16.41
N ARG B 132 -16.82 -6.84 -16.34
CA ARG B 132 -17.53 -7.63 -15.33
C ARG B 132 -16.61 -8.60 -14.62
N VAL B 133 -16.83 -8.77 -13.32
CA VAL B 133 -16.15 -9.78 -12.52
C VAL B 133 -17.20 -10.66 -11.87
N TRP B 134 -17.04 -11.98 -12.00
CA TRP B 134 -17.96 -12.95 -11.42
C TRP B 134 -17.37 -13.48 -10.12
N VAL B 135 -18.16 -13.38 -9.04
CA VAL B 135 -17.74 -13.76 -7.69
C VAL B 135 -18.72 -14.79 -7.14
N SER B 136 -18.22 -15.74 -6.36
CA SER B 136 -19.07 -16.78 -5.80
C SER B 136 -20.08 -16.18 -4.82
N ASN B 137 -21.24 -16.83 -4.74
CA ASN B 137 -22.24 -16.50 -3.72
C ASN B 137 -22.28 -17.63 -2.69
N PRO B 138 -21.76 -17.43 -1.47
CA PRO B 138 -21.18 -16.19 -0.92
C PRO B 138 -19.70 -16.05 -1.24
N SER B 139 -19.10 -14.92 -0.86
CA SER B 139 -17.66 -14.76 -0.97
C SER B 139 -17.18 -13.83 0.14
N TRP B 140 -15.89 -13.53 0.12
CA TRP B 140 -15.31 -12.54 1.01
C TRP B 140 -15.99 -11.20 0.76
N PRO B 141 -16.58 -10.56 1.76
CA PRO B 141 -17.37 -9.35 1.50
C PRO B 141 -16.59 -8.22 0.83
N ASN B 142 -15.26 -8.15 0.99
CA ASN B 142 -14.50 -7.05 0.41
C ASN B 142 -14.22 -7.23 -1.08
N HIS B 143 -14.52 -8.40 -1.65
CA HIS B 143 -14.32 -8.59 -3.09
C HIS B 143 -15.12 -7.56 -3.89
N LYS B 144 -16.41 -7.42 -3.56
CA LYS B 144 -17.27 -6.50 -4.30
C LYS B 144 -16.76 -5.07 -4.17
N SER B 145 -16.33 -4.67 -2.97
CA SER B 145 -15.85 -3.30 -2.77
C SER B 145 -14.62 -3.01 -3.61
N VAL B 146 -13.67 -3.96 -3.65
CA VAL B 146 -12.45 -3.74 -4.41
C VAL B 146 -12.76 -3.53 -5.88
N PHE B 147 -13.58 -4.43 -6.45
CA PHE B 147 -13.80 -4.39 -7.89
C PHE B 147 -14.68 -3.21 -8.28
N ASN B 148 -15.70 -2.91 -7.48
CA ASN B 148 -16.51 -1.72 -7.74
C ASN B 148 -15.67 -0.45 -7.67
N SER B 149 -14.70 -0.39 -6.74
CA SER B 149 -13.91 0.83 -6.61
C SER B 149 -13.05 1.08 -7.84
N ALA B 150 -12.61 0.01 -8.49
CA ALA B 150 -11.85 0.12 -9.74
C ALA B 150 -12.74 0.37 -10.95
N GLY B 151 -14.06 0.35 -10.77
CA GLY B 151 -14.99 0.64 -11.84
C GLY B 151 -15.57 -0.58 -12.53
N LEU B 152 -15.42 -1.76 -11.94
CA LEU B 152 -15.87 -3.00 -12.57
C LEU B 152 -17.18 -3.48 -11.95
N GLU B 153 -18.05 -4.01 -12.81
CA GLU B 153 -19.31 -4.58 -12.36
C GLU B 153 -19.06 -5.94 -11.72
N VAL B 154 -19.83 -6.25 -10.69
CA VAL B 154 -19.70 -7.52 -9.98
C VAL B 154 -20.99 -8.30 -10.12
N ARG B 155 -20.87 -9.56 -10.56
CA ARG B 155 -21.98 -10.49 -10.67
C ARG B 155 -21.66 -11.75 -9.88
N GLU B 156 -22.71 -12.43 -9.44
CA GLU B 156 -22.60 -13.56 -8.54
C GLU B 156 -22.91 -14.85 -9.27
N TYR B 157 -22.10 -15.88 -9.04
CA TYR B 157 -22.45 -17.22 -9.47
C TYR B 157 -22.74 -18.08 -8.25
N ALA B 158 -23.65 -19.04 -8.43
CA ALA B 158 -24.04 -19.95 -7.36
C ALA B 158 -22.87 -20.82 -6.94
N TYR B 159 -22.87 -21.21 -5.66
CA TYR B 159 -21.73 -21.94 -5.10
C TYR B 159 -22.18 -22.87 -3.97
N TYR B 160 -22.80 -22.32 -2.93
CA TYR B 160 -23.07 -23.04 -1.70
C TYR B 160 -24.53 -23.47 -1.62
N ASP B 161 -24.75 -24.77 -1.38
CA ASP B 161 -26.05 -25.33 -1.08
C ASP B 161 -26.22 -25.31 0.44
N ALA B 162 -27.03 -24.36 0.94
CA ALA B 162 -27.12 -24.12 2.37
C ALA B 162 -27.89 -25.21 3.10
N GLU B 163 -28.79 -25.93 2.41
CA GLU B 163 -29.50 -27.02 3.07
C GLU B 163 -28.59 -28.21 3.31
N ASN B 164 -27.76 -28.56 2.32
CA ASN B 164 -26.88 -29.71 2.41
C ASN B 164 -25.46 -29.37 2.86
N HIS B 165 -25.11 -28.09 2.97
CA HIS B 165 -23.78 -27.70 3.43
C HIS B 165 -22.71 -28.25 2.50
N THR B 166 -22.92 -28.06 1.20
CA THR B 166 -22.06 -28.67 0.20
C THR B 166 -21.93 -27.71 -0.98
N LEU B 167 -20.99 -28.01 -1.87
CA LEU B 167 -20.85 -27.29 -3.12
C LEU B 167 -21.93 -27.76 -4.09
N ASP B 168 -22.68 -26.80 -4.65
CA ASP B 168 -23.73 -27.09 -5.62
C ASP B 168 -23.13 -26.92 -7.01
N PHE B 169 -22.46 -27.97 -7.48
CA PHE B 169 -21.67 -27.86 -8.70
C PHE B 169 -22.55 -27.63 -9.92
N ASP B 170 -23.65 -28.37 -10.03
CA ASP B 170 -24.55 -28.16 -11.16
C ASP B 170 -25.06 -26.73 -11.20
N ALA B 171 -25.42 -26.16 -10.04
CA ALA B 171 -25.90 -24.78 -10.03
C ALA B 171 -24.79 -23.81 -10.42
N LEU B 172 -23.57 -24.05 -9.93
CA LEU B 172 -22.43 -23.20 -10.29
C LEU B 172 -22.26 -23.13 -11.80
N ILE B 173 -22.17 -24.29 -12.45
CA ILE B 173 -21.94 -24.32 -13.89
C ILE B 173 -23.10 -23.66 -14.62
N ASN B 174 -24.34 -23.97 -14.22
CA ASN B 174 -25.49 -23.37 -14.87
C ASN B 174 -25.45 -21.85 -14.80
N SER B 175 -25.12 -21.31 -13.62
CA SER B 175 -25.15 -19.86 -13.46
C SER B 175 -24.00 -19.19 -14.20
N LEU B 176 -22.87 -19.90 -14.39
CA LEU B 176 -21.75 -19.35 -15.12
C LEU B 176 -21.92 -19.42 -16.63
N ASN B 177 -22.88 -20.19 -17.14
CA ASN B 177 -23.16 -20.13 -18.57
C ASN B 177 -23.52 -18.72 -19.00
N GLU B 178 -23.86 -17.85 -18.06
CA GLU B 178 -24.20 -16.47 -18.39
C GLU B 178 -22.97 -15.58 -18.52
N ALA B 179 -21.79 -16.03 -18.09
CA ALA B 179 -20.58 -15.23 -18.22
C ALA B 179 -20.06 -15.31 -19.65
N GLN B 180 -19.67 -14.17 -20.20
CA GLN B 180 -19.26 -14.06 -21.58
C GLN B 180 -17.75 -14.19 -21.73
N ALA B 181 -17.31 -14.40 -22.97
CA ALA B 181 -15.89 -14.29 -23.27
C ALA B 181 -15.40 -12.91 -22.87
N GLY B 182 -14.21 -12.85 -22.29
CA GLY B 182 -13.67 -11.60 -21.81
C GLY B 182 -14.16 -11.15 -20.45
N ASP B 183 -15.05 -11.92 -19.82
CA ASP B 183 -15.39 -11.67 -18.43
C ASP B 183 -14.32 -12.27 -17.54
N VAL B 184 -14.14 -11.66 -16.37
CA VAL B 184 -13.28 -12.20 -15.33
C VAL B 184 -14.11 -13.07 -14.40
N VAL B 185 -13.61 -14.26 -14.10
CA VAL B 185 -14.23 -15.15 -13.12
C VAL B 185 -13.23 -15.36 -12.00
N LEU B 186 -13.64 -15.05 -10.77
CA LEU B 186 -12.78 -15.14 -9.60
C LEU B 186 -13.00 -16.48 -8.89
N PHE B 187 -11.90 -17.18 -8.63
CA PHE B 187 -11.91 -18.41 -7.85
C PHE B 187 -11.03 -18.25 -6.62
N HIS B 188 -11.45 -18.81 -5.49
CA HIS B 188 -10.56 -18.95 -4.35
C HIS B 188 -9.71 -20.20 -4.57
N GLY B 189 -8.40 -20.08 -4.39
CA GLY B 189 -7.51 -21.18 -4.72
C GLY B 189 -7.71 -22.39 -3.83
N CYS B 190 -7.98 -22.16 -2.56
CA CYS B 190 -8.31 -23.20 -1.58
C CYS B 190 -8.91 -22.51 -0.37
N CYS B 191 -9.51 -23.29 0.52
CA CYS B 191 -10.10 -22.75 1.74
C CYS B 191 -11.03 -21.58 1.44
N HIS B 192 -12.07 -21.88 0.67
CA HIS B 192 -13.06 -20.88 0.31
C HIS B 192 -13.49 -20.07 1.53
N ASN B 193 -13.48 -18.76 1.37
CA ASN B 193 -13.88 -17.82 2.41
C ASN B 193 -15.22 -17.24 2.00
N PRO B 194 -16.34 -17.54 2.71
CA PRO B 194 -16.43 -18.11 4.05
C PRO B 194 -16.78 -19.58 4.24
N THR B 195 -17.01 -20.37 3.19
CA THR B 195 -17.66 -21.66 3.41
C THR B 195 -16.69 -22.78 3.76
N GLY B 196 -15.42 -22.67 3.39
CA GLY B 196 -14.50 -23.77 3.57
C GLY B 196 -14.75 -24.97 2.68
N ILE B 197 -15.61 -24.83 1.68
CA ILE B 197 -15.90 -25.90 0.73
C ILE B 197 -15.20 -25.59 -0.59
N ASP B 198 -14.25 -26.46 -0.96
CA ASP B 198 -13.44 -26.30 -2.16
C ASP B 198 -13.83 -27.34 -3.22
N PRO B 199 -13.64 -27.04 -4.51
CA PRO B 199 -13.84 -28.08 -5.52
C PRO B 199 -12.81 -29.20 -5.36
N THR B 200 -13.19 -30.39 -5.79
CA THR B 200 -12.24 -31.47 -5.95
C THR B 200 -11.34 -31.21 -7.16
N LEU B 201 -10.26 -32.00 -7.26
CA LEU B 201 -9.40 -31.90 -8.42
C LEU B 201 -10.19 -32.14 -9.70
N GLU B 202 -11.07 -33.15 -9.70
CA GLU B 202 -11.90 -33.42 -10.86
C GLU B 202 -12.77 -32.21 -11.20
N GLN B 203 -13.33 -31.55 -10.19
CA GLN B 203 -14.18 -30.39 -10.43
C GLN B 203 -13.35 -29.20 -10.94
N TRP B 204 -12.17 -28.98 -10.36
CA TRP B 204 -11.27 -27.97 -10.88
C TRP B 204 -10.95 -28.22 -12.35
N GLN B 205 -10.66 -29.48 -12.71
CA GLN B 205 -10.32 -29.82 -14.08
C GLN B 205 -11.50 -29.58 -15.01
N THR B 206 -12.70 -29.90 -14.57
CA THR B 206 -13.89 -29.58 -15.35
C THR B 206 -14.00 -28.07 -15.56
N LEU B 207 -13.81 -27.29 -14.50
CA LEU B 207 -13.92 -25.84 -14.62
C LEU B 207 -12.84 -25.28 -15.53
N ALA B 208 -11.62 -25.81 -15.45
CA ALA B 208 -10.56 -25.32 -16.32
C ALA B 208 -10.95 -25.53 -17.78
N GLN B 209 -11.41 -26.73 -18.12
CA GLN B 209 -11.84 -27.04 -19.48
C GLN B 209 -12.97 -26.11 -19.92
N LEU B 210 -13.98 -25.92 -19.07
CA LEU B 210 -15.07 -25.01 -19.42
C LEU B 210 -14.55 -23.58 -19.58
N SER B 211 -13.57 -23.19 -18.75
CA SER B 211 -13.07 -21.82 -18.80
C SER B 211 -12.41 -21.50 -20.13
N VAL B 212 -11.59 -22.42 -20.66
CA VAL B 212 -10.97 -22.14 -21.95
C VAL B 212 -12.02 -22.14 -23.06
N GLU B 213 -12.98 -23.07 -22.97
CA GLU B 213 -14.01 -23.16 -24.00
C GLU B 213 -14.84 -21.87 -24.08
N LYS B 214 -15.10 -21.24 -22.93
CA LYS B 214 -15.94 -20.05 -22.89
C LYS B 214 -15.16 -18.74 -23.00
N GLY B 215 -13.83 -18.78 -22.88
CA GLY B 215 -13.04 -17.58 -23.02
C GLY B 215 -13.02 -16.68 -21.80
N TRP B 216 -13.14 -17.25 -20.61
CA TRP B 216 -13.07 -16.47 -19.40
C TRP B 216 -11.62 -16.12 -19.08
N LEU B 217 -11.44 -15.03 -18.33
CA LEU B 217 -10.13 -14.69 -17.80
C LEU B 217 -10.11 -15.09 -16.33
N PRO B 218 -9.41 -16.17 -15.96
CA PRO B 218 -9.42 -16.59 -14.55
C PRO B 218 -8.61 -15.65 -13.68
N LEU B 219 -9.17 -15.33 -12.51
CA LEU B 219 -8.48 -14.59 -11.46
C LEU B 219 -8.58 -15.40 -10.18
N PHE B 220 -7.43 -15.81 -9.64
CA PHE B 220 -7.39 -16.60 -8.42
C PHE B 220 -7.02 -15.70 -7.24
N ASP B 221 -7.85 -15.73 -6.21
CA ASP B 221 -7.55 -15.15 -4.91
C ASP B 221 -7.01 -16.29 -4.06
N PHE B 222 -5.71 -16.25 -3.75
CA PHE B 222 -4.99 -17.34 -3.09
C PHE B 222 -4.42 -16.82 -1.78
N ALA B 223 -5.26 -16.82 -0.74
CA ALA B 223 -4.90 -16.27 0.56
C ALA B 223 -4.57 -17.33 1.61
N TYR B 224 -4.74 -18.62 1.28
CA TYR B 224 -4.65 -19.65 2.30
C TYR B 224 -3.83 -20.85 1.82
N GLN B 225 -2.86 -20.63 0.95
CA GLN B 225 -2.05 -21.75 0.50
C GLN B 225 -1.39 -22.40 1.71
N GLY B 226 -1.66 -23.69 1.90
CA GLY B 226 -1.10 -24.45 2.99
C GLY B 226 -2.08 -24.83 4.08
N PHE B 227 -3.24 -24.17 4.16
CA PHE B 227 -4.19 -24.42 5.23
C PHE B 227 -5.21 -25.52 4.95
N ALA B 228 -5.24 -26.08 3.74
CA ALA B 228 -6.21 -27.14 3.44
C ALA B 228 -5.53 -28.50 3.58
N ARG B 229 -4.62 -28.82 2.68
CA ARG B 229 -3.87 -30.07 2.77
C ARG B 229 -2.36 -29.86 2.83
N GLY B 230 -1.83 -28.95 2.05
CA GLY B 230 -0.41 -28.72 2.02
C GLY B 230 -0.12 -27.68 0.96
N LEU B 231 1.13 -27.21 0.95
CA LEU B 231 1.52 -26.19 -0.01
C LEU B 231 1.30 -26.64 -1.43
N GLU B 232 1.84 -27.80 -1.80
CA GLU B 232 1.72 -28.26 -3.18
C GLU B 232 0.30 -28.72 -3.48
N GLU B 233 -0.32 -29.46 -2.56
CA GLU B 233 -1.68 -29.94 -2.77
C GLU B 233 -2.65 -28.79 -2.98
N ASP B 234 -2.53 -27.73 -2.17
CA ASP B 234 -3.50 -26.64 -2.23
C ASP B 234 -3.42 -25.88 -3.55
N ALA B 235 -2.34 -26.04 -4.31
CA ALA B 235 -2.17 -25.35 -5.58
C ALA B 235 -2.58 -26.21 -6.77
N GLU B 236 -3.12 -27.41 -6.52
CA GLU B 236 -3.48 -28.29 -7.63
C GLU B 236 -4.53 -27.66 -8.53
N GLY B 237 -5.52 -26.99 -7.94
CA GLY B 237 -6.56 -26.39 -8.74
C GLY B 237 -6.01 -25.31 -9.65
N LEU B 238 -5.18 -24.43 -9.09
CA LEU B 238 -4.58 -23.36 -9.87
C LEU B 238 -3.70 -23.92 -10.97
N ARG B 239 -2.97 -25.00 -10.69
CA ARG B 239 -2.05 -25.54 -11.69
C ARG B 239 -2.80 -26.24 -12.82
N ALA B 240 -3.97 -26.80 -12.56
CA ALA B 240 -4.76 -27.35 -13.67
C ALA B 240 -5.23 -26.25 -14.60
N PHE B 241 -5.54 -25.06 -14.05
CA PHE B 241 -5.86 -23.92 -14.89
C PHE B 241 -4.63 -23.45 -15.67
N ALA B 242 -3.48 -23.40 -15.01
CA ALA B 242 -2.27 -22.87 -15.64
C ALA B 242 -1.79 -23.75 -16.78
N ALA B 243 -2.15 -25.03 -16.79
CA ALA B 243 -1.74 -25.93 -17.86
C ALA B 243 -2.53 -25.69 -19.14
N MET B 244 -3.69 -25.06 -19.07
CA MET B 244 -4.60 -24.95 -20.21
C MET B 244 -4.78 -23.53 -20.73
N HIS B 245 -4.55 -22.51 -19.91
CA HIS B 245 -4.91 -21.15 -20.24
C HIS B 245 -3.73 -20.38 -20.81
N LYS B 246 -4.07 -19.46 -21.73
CA LYS B 246 -3.09 -18.51 -22.23
C LYS B 246 -2.88 -17.37 -21.25
N GLU B 247 -3.95 -16.96 -20.55
CA GLU B 247 -3.90 -15.80 -19.67
C GLU B 247 -4.58 -16.10 -18.35
N LEU B 248 -3.97 -15.65 -17.26
CA LEU B 248 -4.66 -15.62 -15.98
C LEU B 248 -3.90 -14.71 -15.02
N ILE B 249 -4.55 -14.45 -13.88
CA ILE B 249 -4.07 -13.56 -12.84
C ILE B 249 -4.20 -14.26 -11.50
N VAL B 250 -3.17 -14.12 -10.66
CA VAL B 250 -3.20 -14.65 -9.30
C VAL B 250 -2.89 -13.50 -8.34
N ALA B 251 -3.76 -13.32 -7.35
CA ALA B 251 -3.52 -12.39 -6.25
C ALA B 251 -3.32 -13.27 -5.03
N SER B 252 -2.10 -13.31 -4.51
CA SER B 252 -1.81 -14.15 -3.38
C SER B 252 -1.46 -13.30 -2.16
N SER B 253 -1.61 -13.93 -1.00
CA SER B 253 -1.33 -13.30 0.29
C SER B 253 -0.46 -14.20 1.14
N TYR B 254 0.50 -13.57 1.83
CA TYR B 254 1.29 -14.22 2.87
C TYR B 254 0.86 -13.76 4.26
N SER B 255 -0.25 -13.04 4.36
CA SER B 255 -0.71 -12.57 5.66
C SER B 255 -0.92 -13.72 6.63
N LYS B 256 -1.57 -14.79 6.17
CA LYS B 256 -2.03 -15.83 7.08
C LYS B 256 -1.06 -17.00 7.18
N ASN B 257 -0.53 -17.48 6.06
CA ASN B 257 0.39 -18.61 6.13
C ASN B 257 1.78 -18.24 6.64
N PHE B 258 2.10 -16.95 6.77
CA PHE B 258 3.31 -16.51 7.46
C PHE B 258 3.01 -15.74 8.76
N GLY B 259 1.75 -15.52 9.09
CA GLY B 259 1.44 -14.69 10.25
C GLY B 259 1.97 -13.28 10.14
N LEU B 260 1.96 -12.70 8.94
CA LEU B 260 2.55 -11.39 8.70
C LEU B 260 1.51 -10.33 8.38
N TYR B 261 0.26 -10.55 8.85
CA TYR B 261 -0.89 -9.71 8.59
C TYR B 261 -0.61 -8.22 8.45
N ASN B 262 -0.02 -7.60 9.47
CA ASN B 262 0.08 -6.14 9.49
C ASN B 262 1.30 -5.61 8.73
N GLU B 263 2.14 -6.47 8.17
CA GLU B 263 3.26 -6.00 7.37
C GLU B 263 2.90 -5.90 5.88
N ARG B 264 1.75 -6.45 5.48
CA ARG B 264 1.14 -6.26 4.15
C ARG B 264 2.03 -6.87 3.05
N VAL B 265 1.98 -8.20 2.98
CA VAL B 265 2.85 -8.98 2.09
C VAL B 265 1.96 -9.82 1.18
N GLY B 266 1.95 -9.47 -0.10
CA GLY B 266 1.22 -10.24 -1.09
C GLY B 266 1.90 -10.12 -2.45
N ALA B 267 1.27 -10.67 -3.49
CA ALA B 267 1.83 -10.62 -4.82
C ALA B 267 0.70 -10.66 -5.85
N CYS B 268 0.87 -9.93 -6.93
CA CYS B 268 -0.01 -10.01 -8.08
C CYS B 268 0.80 -10.58 -9.22
N THR B 269 0.40 -11.75 -9.71
CA THR B 269 1.11 -12.45 -10.76
C THR B 269 0.28 -12.47 -12.03
N LEU B 270 0.90 -12.05 -13.12
CA LEU B 270 0.27 -11.92 -14.43
C LEU B 270 0.84 -13.00 -15.34
N VAL B 271 -0.03 -13.71 -16.05
CA VAL B 271 0.39 -14.73 -17.01
C VAL B 271 -0.23 -14.40 -18.36
N ALA B 272 0.58 -14.44 -19.42
CA ALA B 272 0.11 -14.19 -20.78
C ALA B 272 0.63 -15.29 -21.70
N ALA B 273 0.21 -15.21 -22.97
CA ALA B 273 0.51 -16.27 -23.92
C ALA B 273 2.01 -16.42 -24.16
N ASP B 274 2.75 -15.32 -24.14
CA ASP B 274 4.19 -15.39 -24.38
C ASP B 274 4.90 -14.27 -23.62
N SER B 275 6.23 -14.33 -23.67
CA SER B 275 7.06 -13.35 -22.94
C SER B 275 6.81 -11.93 -23.41
N GLU B 276 6.74 -11.72 -24.74
CA GLU B 276 6.57 -10.36 -25.24
C GLU B 276 5.26 -9.76 -24.75
N THR B 277 4.20 -10.55 -24.73
CA THR B 277 2.90 -10.03 -24.32
C THR B 277 2.86 -9.75 -22.82
N VAL B 278 3.42 -10.63 -22.00
CA VAL B 278 3.35 -10.42 -20.55
C VAL B 278 4.19 -9.20 -20.16
N ASP B 279 5.35 -9.02 -20.79
CA ASP B 279 6.17 -7.85 -20.49
C ASP B 279 5.44 -6.57 -20.86
N ARG B 280 4.74 -6.58 -22.00
CA ARG B 280 3.97 -5.41 -22.42
C ARG B 280 2.85 -5.11 -21.42
N ALA B 281 2.10 -6.14 -21.04
CA ALA B 281 1.02 -5.95 -20.07
C ALA B 281 1.57 -5.47 -18.73
N PHE B 282 2.64 -6.10 -18.26
CA PHE B 282 3.22 -5.77 -16.95
C PHE B 282 3.76 -4.34 -16.90
N SER B 283 4.13 -3.76 -18.05
CA SER B 283 4.54 -2.37 -18.02
C SER B 283 3.39 -1.46 -17.63
N GLN B 284 2.15 -1.83 -17.98
CA GLN B 284 0.99 -1.07 -17.53
C GLN B 284 0.61 -1.41 -16.09
N MET B 285 0.87 -2.64 -15.64
CA MET B 285 0.67 -2.93 -14.22
C MET B 285 1.60 -2.10 -13.35
N LYS B 286 2.85 -1.92 -13.79
CA LYS B 286 3.78 -1.08 -13.03
C LYS B 286 3.28 0.36 -12.98
N ALA B 287 2.76 0.86 -14.10
CA ALA B 287 2.27 2.23 -14.13
C ALA B 287 1.11 2.41 -13.16
N ALA B 288 0.24 1.40 -13.04
CA ALA B 288 -0.89 1.50 -12.12
C ALA B 288 -0.43 1.46 -10.66
N ILE B 289 0.62 0.71 -10.37
CA ILE B 289 1.18 0.69 -9.02
C ILE B 289 1.79 2.04 -8.69
N ARG B 290 2.60 2.59 -9.60
CA ARG B 290 3.23 3.89 -9.38
C ARG B 290 2.20 4.93 -8.98
N ALA B 291 1.02 4.91 -9.62
CA ALA B 291 -0.03 5.86 -9.35
C ALA B 291 -0.89 5.52 -8.13
N ASN B 292 -0.54 4.48 -7.38
CA ASN B 292 -1.32 4.08 -6.21
C ASN B 292 -0.47 4.28 -4.96
N TYR B 293 0.47 3.37 -4.71
CA TYR B 293 1.36 3.48 -3.55
C TYR B 293 2.83 3.60 -3.95
N SER B 294 3.12 3.78 -5.24
CA SER B 294 4.47 3.99 -5.75
C SER B 294 5.35 2.74 -5.80
N ASN B 295 5.62 2.15 -4.64
CA ASN B 295 6.46 0.97 -4.53
C ASN B 295 6.18 0.31 -3.18
N PRO B 296 6.45 -0.99 -3.03
CA PRO B 296 5.82 -1.76 -1.94
C PRO B 296 6.68 -1.80 -0.69
N PRO B 297 6.08 -2.15 0.45
CA PRO B 297 6.84 -2.12 1.72
C PRO B 297 7.78 -3.31 1.85
N ALA B 298 9.01 -3.02 2.26
CA ALA B 298 10.09 -3.99 2.18
C ALA B 298 10.03 -5.02 3.30
N HIS B 299 9.74 -4.60 4.53
CA HIS B 299 10.05 -5.44 5.69
C HIS B 299 9.42 -6.83 5.58
N GLY B 300 8.11 -6.90 5.36
CA GLY B 300 7.45 -8.21 5.38
C GLY B 300 7.88 -9.10 4.23
N ALA B 301 7.95 -8.52 3.02
CA ALA B 301 8.42 -9.26 1.87
C ALA B 301 9.87 -9.73 2.03
N SER B 302 10.72 -8.89 2.63
CA SER B 302 12.08 -9.34 2.90
C SER B 302 12.09 -10.54 3.83
N VAL B 303 11.18 -10.56 4.80
CA VAL B 303 11.11 -11.70 5.71
C VAL B 303 10.73 -12.97 4.94
N VAL B 304 9.66 -12.90 4.13
CA VAL B 304 9.25 -14.03 3.30
C VAL B 304 10.41 -14.50 2.43
N ALA B 305 11.07 -13.57 1.73
CA ALA B 305 12.12 -13.98 0.81
C ALA B 305 13.30 -14.59 1.55
N THR B 306 13.61 -14.07 2.75
CA THR B 306 14.69 -14.63 3.55
C THR B 306 14.37 -16.07 3.95
N ILE B 307 13.13 -16.33 4.35
CA ILE B 307 12.75 -17.67 4.81
C ILE B 307 12.74 -18.65 3.66
N LEU B 308 12.11 -18.28 2.54
CA LEU B 308 11.97 -19.20 1.43
C LEU B 308 13.29 -19.48 0.73
N SER B 309 14.25 -18.56 0.83
CA SER B 309 15.56 -18.74 0.22
C SER B 309 16.51 -19.57 1.06
N ASN B 310 16.24 -19.74 2.35
CA ASN B 310 17.15 -20.40 3.27
C ASN B 310 16.55 -21.73 3.73
N ASP B 311 17.24 -22.83 3.39
CA ASP B 311 16.68 -24.16 3.59
C ASP B 311 16.38 -24.44 5.05
N ALA B 312 17.22 -23.97 5.97
CA ALA B 312 16.98 -24.23 7.38
C ALA B 312 15.81 -23.41 7.90
N LEU B 313 15.69 -22.15 7.46
CA LEU B 313 14.54 -21.34 7.88
C LEU B 313 13.25 -21.85 7.26
N ARG B 314 13.29 -22.27 5.99
CA ARG B 314 12.09 -22.74 5.33
C ARG B 314 11.52 -23.96 6.05
N ALA B 315 12.38 -24.85 6.54
CA ALA B 315 11.92 -26.07 7.18
C ALA B 315 11.23 -25.76 8.49
N ILE B 316 11.76 -24.80 9.25
CA ILE B 316 11.09 -24.32 10.45
C ILE B 316 9.71 -23.78 10.09
N TRP B 317 9.65 -22.94 9.05
CA TRP B 317 8.38 -22.34 8.67
C TRP B 317 7.36 -23.39 8.25
N GLU B 318 7.78 -24.36 7.42
CA GLU B 318 6.83 -25.36 6.93
C GLU B 318 6.22 -26.16 8.09
N GLN B 319 7.04 -26.46 9.10
CA GLN B 319 6.55 -27.16 10.29
C GLN B 319 5.60 -26.29 11.08
N GLU B 320 5.92 -25.00 11.22
CA GLU B 320 5.03 -24.07 11.91
C GLU B 320 3.69 -23.93 11.17
N LEU B 321 3.70 -24.04 9.84
CA LEU B 321 2.45 -23.95 9.09
C LEU B 321 1.64 -25.23 9.24
N THR B 322 2.32 -26.38 9.20
CA THR B 322 1.66 -27.66 9.48
C THR B 322 1.03 -27.67 10.87
N ASP B 323 1.74 -27.11 11.87
CA ASP B 323 1.19 -27.08 13.22
C ASP B 323 -0.09 -26.24 13.29
N MET B 324 -0.13 -25.13 12.55
CA MET B 324 -1.34 -24.30 12.55
C MET B 324 -2.50 -25.05 11.88
N ARG B 325 -2.23 -25.65 10.71
CA ARG B 325 -3.25 -26.41 10.00
C ARG B 325 -3.83 -27.50 10.89
N GLN B 326 -2.96 -28.22 11.61
CA GLN B 326 -3.42 -29.34 12.42
C GLN B 326 -4.13 -28.88 13.69
N ARG B 327 -3.72 -27.75 14.28
CA ARG B 327 -4.47 -27.27 15.43
C ARG B 327 -5.90 -26.95 15.02
N ILE B 328 -6.07 -26.31 13.87
CA ILE B 328 -7.42 -26.02 13.38
C ILE B 328 -8.21 -27.30 13.23
N GLN B 329 -7.60 -28.33 12.63
CA GLN B 329 -8.30 -29.61 12.45
C GLN B 329 -8.76 -30.18 13.79
N ARG B 330 -7.90 -30.08 14.82
CA ARG B 330 -8.26 -30.57 16.15
C ARG B 330 -9.44 -29.80 16.73
N MET B 331 -9.46 -28.48 16.51
CA MET B 331 -10.56 -27.67 17.02
C MET B 331 -11.87 -27.97 16.29
N ARG B 332 -11.82 -28.21 14.98
CA ARG B 332 -13.03 -28.59 14.26
C ARG B 332 -13.67 -29.81 14.90
N GLN B 333 -12.88 -30.85 15.18
N GLN B 333 -12.87 -30.84 15.18
CA GLN B 333 -13.44 -32.07 15.77
CA GLN B 333 -13.39 -32.07 15.78
C GLN B 333 -13.92 -31.79 17.20
C GLN B 333 -13.90 -31.81 17.19
N LEU B 334 -13.11 -31.09 17.99
CA LEU B 334 -13.50 -30.77 19.36
C LEU B 334 -14.78 -29.95 19.41
N PHE B 335 -14.93 -29.02 18.47
CA PHE B 335 -16.13 -28.19 18.39
C PHE B 335 -17.37 -29.04 18.20
N VAL B 336 -17.33 -29.94 17.22
CA VAL B 336 -18.48 -30.76 16.89
C VAL B 336 -18.84 -31.68 18.05
N ASN B 337 -17.83 -32.31 18.66
CA ASN B 337 -18.10 -33.22 19.78
C ASN B 337 -18.68 -32.45 20.97
N THR B 338 -18.13 -31.27 21.27
CA THR B 338 -18.58 -30.50 22.43
C THR B 338 -20.00 -29.96 22.24
N LEU B 339 -20.37 -29.59 21.01
CA LEU B 339 -21.74 -29.15 20.76
C LEU B 339 -22.74 -30.22 21.17
N GLN B 340 -22.46 -31.49 20.83
CA GLN B 340 -23.39 -32.55 21.19
C GLN B 340 -23.43 -32.75 22.71
N GLU B 341 -22.27 -32.61 23.37
CA GLU B 341 -22.21 -32.79 24.81
C GLU B 341 -22.95 -31.67 25.54
N LYS B 342 -22.99 -30.48 24.96
CA LYS B 342 -23.68 -29.35 25.56
C LYS B 342 -25.17 -29.29 25.23
N GLY B 343 -25.69 -30.28 24.52
CA GLY B 343 -27.12 -30.36 24.28
C GLY B 343 -27.61 -29.79 22.96
N ALA B 344 -26.74 -29.58 21.99
CA ALA B 344 -27.20 -29.32 20.63
C ALA B 344 -27.80 -30.60 20.09
N ASN B 345 -29.01 -30.53 19.58
CA ASN B 345 -29.60 -31.69 18.94
C ASN B 345 -29.53 -31.60 17.43
N ARG B 346 -28.98 -30.50 16.91
CA ARG B 346 -28.64 -30.38 15.50
C ARG B 346 -27.36 -31.13 15.16
N ASP B 347 -27.35 -31.72 13.97
CA ASP B 347 -26.14 -32.32 13.40
C ASP B 347 -25.24 -31.21 12.89
N PHE B 348 -24.01 -31.16 13.40
CA PHE B 348 -23.00 -30.20 12.94
C PHE B 348 -21.80 -30.88 12.30
N SER B 349 -21.95 -32.14 11.88
CA SER B 349 -20.84 -32.92 11.35
C SER B 349 -20.30 -32.35 10.03
N PHE B 350 -21.09 -31.53 9.32
CA PHE B 350 -20.58 -30.91 8.11
C PHE B 350 -19.36 -30.03 8.40
N ILE B 351 -19.22 -29.54 9.64
CA ILE B 351 -18.06 -28.70 9.98
C ILE B 351 -16.75 -29.46 9.78
N ILE B 352 -16.76 -30.78 9.98
CA ILE B 352 -15.55 -31.58 9.82
C ILE B 352 -15.09 -31.58 8.36
N LYS B 353 -16.02 -31.47 7.41
CA LYS B 353 -15.70 -31.56 5.99
C LYS B 353 -15.19 -30.26 5.40
N GLN B 354 -15.13 -29.18 6.17
CA GLN B 354 -14.72 -27.86 5.67
C GLN B 354 -13.25 -27.62 5.95
N ASN B 355 -12.60 -26.87 5.05
CA ASN B 355 -11.18 -26.60 5.06
C ASN B 355 -10.88 -25.18 5.51
N GLY B 356 -9.77 -25.02 6.24
CA GLY B 356 -9.28 -23.70 6.57
C GLY B 356 -9.77 -23.21 7.92
N MET B 357 -9.73 -21.88 8.07
CA MET B 357 -10.06 -21.25 9.34
C MET B 357 -11.56 -21.16 9.60
N PHE B 358 -12.37 -21.09 8.54
CA PHE B 358 -13.73 -20.60 8.63
C PHE B 358 -14.75 -21.70 8.43
N SER B 359 -15.77 -21.69 9.28
CA SER B 359 -16.93 -22.54 9.11
C SER B 359 -18.17 -21.66 8.95
N PHE B 360 -19.00 -22.00 7.98
CA PHE B 360 -20.33 -21.42 7.82
C PHE B 360 -21.24 -22.20 8.77
N SER B 361 -21.58 -21.59 9.91
CA SER B 361 -22.20 -22.33 11.00
C SER B 361 -23.69 -22.57 10.84
N GLY B 362 -24.36 -21.83 9.96
CA GLY B 362 -25.79 -21.93 9.81
C GLY B 362 -26.59 -21.07 10.77
N LEU B 363 -25.94 -20.37 11.68
CA LEU B 363 -26.64 -19.46 12.58
C LEU B 363 -27.20 -18.28 11.81
N THR B 364 -28.35 -17.79 12.26
CA THR B 364 -28.99 -16.64 11.64
C THR B 364 -28.36 -15.33 12.14
N LYS B 365 -28.67 -14.24 11.45
CA LYS B 365 -28.22 -12.93 11.92
C LYS B 365 -28.71 -12.65 13.34
N GLU B 366 -29.93 -13.06 13.67
CA GLU B 366 -30.44 -12.75 15.00
C GLU B 366 -29.74 -13.58 16.06
N GLN B 367 -29.44 -14.84 15.75
CA GLN B 367 -28.68 -15.67 16.67
C GLN B 367 -27.28 -15.12 16.87
N VAL B 368 -26.62 -14.70 15.78
CA VAL B 368 -25.28 -14.14 15.89
C VAL B 368 -25.31 -12.88 16.75
N LEU B 369 -26.37 -12.09 16.61
CA LEU B 369 -26.48 -10.88 17.42
C LEU B 369 -26.68 -11.21 18.89
N ARG B 370 -27.47 -12.24 19.20
CA ARG B 370 -27.65 -12.66 20.59
C ARG B 370 -26.34 -13.13 21.20
N LEU B 371 -25.57 -13.91 20.45
CA LEU B 371 -24.29 -14.39 20.97
C LEU B 371 -23.40 -13.22 21.40
N ARG B 372 -23.34 -12.18 20.59
CA ARG B 372 -22.54 -11.02 20.97
C ARG B 372 -23.13 -10.32 22.20
N GLU B 373 -24.42 -9.97 22.15
CA GLU B 373 -24.96 -9.09 23.17
C GLU B 373 -25.12 -9.79 24.50
N GLU B 374 -25.57 -11.05 24.48
CA GLU B 374 -25.84 -11.74 25.73
C GLU B 374 -24.69 -12.59 26.23
N PHE B 375 -23.79 -13.05 25.35
CA PHE B 375 -22.73 -13.97 25.75
C PHE B 375 -21.32 -13.49 25.44
N GLY B 376 -21.17 -12.34 24.79
CA GLY B 376 -19.84 -11.85 24.47
C GLY B 376 -19.08 -12.72 23.49
N VAL B 377 -19.79 -13.45 22.65
CA VAL B 377 -19.19 -14.29 21.60
C VAL B 377 -19.36 -13.55 20.28
N TYR B 378 -18.23 -13.24 19.62
CA TYR B 378 -18.19 -12.37 18.44
C TYR B 378 -17.93 -13.19 17.17
N ALA B 379 -18.96 -13.29 16.32
CA ALA B 379 -18.87 -13.92 15.00
C ALA B 379 -19.36 -12.93 13.96
N VAL B 380 -19.09 -13.22 12.68
CA VAL B 380 -19.55 -12.34 11.60
C VAL B 380 -21.04 -12.57 11.38
N ALA B 381 -21.73 -11.50 10.95
CA ALA B 381 -23.18 -11.53 10.86
C ALA B 381 -23.70 -12.63 9.94
N SER B 382 -22.87 -13.09 9.00
CA SER B 382 -23.26 -14.17 8.09
C SER B 382 -23.22 -15.55 8.74
N GLY B 383 -22.81 -15.65 9.99
CA GLY B 383 -22.63 -16.94 10.63
C GLY B 383 -21.28 -17.56 10.43
N ARG B 384 -20.35 -16.84 9.80
CA ARG B 384 -18.98 -17.31 9.69
C ARG B 384 -18.30 -17.24 11.04
N VAL B 385 -17.73 -18.36 11.47
CA VAL B 385 -17.00 -18.43 12.72
C VAL B 385 -15.56 -18.81 12.41
N ASN B 386 -14.63 -18.19 13.13
CA ASN B 386 -13.20 -18.49 12.97
C ASN B 386 -12.86 -19.63 13.91
N VAL B 387 -12.66 -20.83 13.35
CA VAL B 387 -12.34 -21.99 14.16
C VAL B 387 -10.96 -21.85 14.80
N ALA B 388 -10.06 -21.12 14.16
CA ALA B 388 -8.75 -20.86 14.76
C ALA B 388 -8.81 -19.92 15.94
N GLY B 389 -9.97 -19.31 16.22
CA GLY B 389 -10.14 -18.60 17.47
C GLY B 389 -10.56 -19.48 18.63
N MET B 390 -10.84 -20.75 18.37
CA MET B 390 -11.26 -21.66 19.43
C MET B 390 -10.04 -22.25 20.12
N THR B 391 -10.15 -22.44 21.42
CA THR B 391 -9.11 -23.04 22.23
C THR B 391 -9.74 -24.06 23.17
N PRO B 392 -8.95 -24.97 23.73
CA PRO B 392 -9.53 -25.89 24.72
C PRO B 392 -10.14 -25.16 25.90
N ASP B 393 -9.63 -23.97 26.25
CA ASP B 393 -10.14 -23.25 27.42
C ASP B 393 -11.46 -22.53 27.12
N ASN B 394 -11.68 -22.08 25.90
CA ASN B 394 -12.92 -21.37 25.61
C ASN B 394 -13.97 -22.22 24.89
N MET B 395 -13.68 -23.50 24.61
CA MET B 395 -14.61 -24.30 23.83
C MET B 395 -15.95 -24.48 24.55
N ALA B 396 -15.89 -24.82 25.85
CA ALA B 396 -17.12 -25.09 26.58
C ALA B 396 -18.01 -23.86 26.70
N PRO B 397 -17.52 -22.70 27.15
CA PRO B 397 -18.39 -21.52 27.19
C PRO B 397 -18.93 -21.13 25.82
N LEU B 398 -18.09 -21.23 24.78
CA LEU B 398 -18.54 -20.99 23.42
C LEU B 398 -19.72 -21.88 23.07
N CYS B 399 -19.59 -23.20 23.30
CA CYS B 399 -20.64 -24.12 22.91
C CYS B 399 -21.87 -23.99 23.81
N GLU B 400 -21.69 -23.70 25.10
CA GLU B 400 -22.85 -23.43 25.93
C GLU B 400 -23.63 -22.24 25.38
N ALA B 401 -22.92 -21.23 24.87
CA ALA B 401 -23.59 -20.05 24.33
C ALA B 401 -24.36 -20.38 23.05
N ILE B 402 -23.76 -21.18 22.16
CA ILE B 402 -24.44 -21.52 20.91
C ILE B 402 -25.69 -22.33 21.21
N VAL B 403 -25.60 -23.31 22.10
CA VAL B 403 -26.77 -24.12 22.42
C VAL B 403 -27.88 -23.24 22.99
N ALA B 404 -27.50 -22.21 23.76
CA ALA B 404 -28.51 -21.36 24.38
C ALA B 404 -29.30 -20.53 23.35
N VAL B 405 -28.79 -20.33 22.13
CA VAL B 405 -29.52 -19.52 21.15
C VAL B 405 -30.15 -20.36 20.05
N LEU B 406 -29.96 -21.68 20.06
CA LEU B 406 -30.56 -22.53 19.05
C LEU B 406 -32.07 -22.65 19.24
N1 PLP C . 5.42 14.07 -3.34
C2 PLP C . 6.65 14.68 -3.38
C2A PLP C . 6.69 16.14 -3.73
C3 PLP C . 7.79 13.94 -3.09
O3 PLP C . 8.98 14.60 -3.13
C4 PLP C . 7.68 12.60 -2.73
C4A PLP C . 8.91 11.82 -2.33
C5 PLP C . 6.43 11.99 -2.71
C6 PLP C . 5.32 12.73 -3.04
C5A PLP C . 6.17 10.53 -2.41
O4P PLP C . 6.75 10.08 -1.21
P PLP C . 6.68 8.52 -0.86
O1P PLP C . 5.47 7.85 -1.47
O2P PLP C . 7.93 7.91 -1.42
O3P PLP C . 6.60 8.44 0.66
H2A1 PLP C . 7.73 16.47 -3.70
H2A2 PLP C . 6.11 16.71 -3.01
H2A3 PLP C . 6.29 16.28 -4.73
HO3 PLP C . 9.45 14.48 -2.27
H6 PLP C . 4.34 12.26 -3.06
H5A1 PLP C . 6.56 9.93 -3.23
H5A2 PLP C . 5.09 10.37 -2.37
C1 MAE D . 11.73 11.82 -6.26
O1 MAE D . 11.05 12.80 -6.66
O2 MAE D . 12.79 11.44 -6.85
C2 MAE D . 11.32 11.05 -5.01
C3 MAE D . 10.45 10.06 -5.02
C4 MAE D . 9.71 9.48 -6.24
O3 MAE D . 9.66 10.04 -7.37
O4 MAE D . 9.14 8.37 -6.05
H2 MAE D . 11.74 11.35 -4.06
H3 MAE D . 10.24 9.59 -4.05
N1 PLP E . -8.99 -12.64 0.03
C2 PLP E . -9.34 -13.61 0.95
C2A PLP E . -10.26 -14.71 0.52
C3 PLP E . -8.85 -13.55 2.25
O3 PLP E . -9.21 -14.53 3.14
C4 PLP E . -7.97 -12.53 2.62
C4A PLP E . -7.34 -12.53 3.98
C5 PLP E . -7.63 -11.56 1.69
C6 PLP E . -8.18 -11.60 0.41
C5A PLP E . -6.75 -10.38 2.04
O4P PLP E . -5.44 -10.69 2.41
P PLP E . -4.52 -9.49 2.97
O1P PLP E . -4.84 -8.23 2.20
O2P PLP E . -4.78 -9.27 4.45
O3P PLP E . -3.10 -9.94 2.72
H2A1 PLP E . -10.49 -15.35 1.36
H2A2 PLP E . -9.79 -15.30 -0.28
H2A3 PLP E . -11.19 -14.28 0.13
HO3 PLP E . -8.41 -15.03 3.41
H6 PLP E . -7.96 -10.80 -0.30
H5A1 PLP E . -7.23 -9.83 2.86
H5A2 PLP E . -6.72 -9.71 1.18
C1 MAE F . -11.12 -12.30 6.94
O1 MAE F . -11.83 -12.64 5.97
O2 MAE F . -11.59 -12.18 8.09
C2 MAE F . -9.64 -12.05 6.71
C3 MAE F . -9.15 -10.88 6.35
C4 MAE F . -9.94 -9.59 6.11
O3 MAE F . -11.20 -9.53 6.01
O4 MAE F . -9.25 -8.57 5.96
H2 MAE F . -8.96 -12.88 6.85
H3 MAE F . -8.07 -10.82 6.23
#